data_2QNE
#
_entry.id   2QNE
#
_cell.length_a   123.863
_cell.length_b   123.863
_cell.length_c   122.844
_cell.angle_alpha   90.000
_cell.angle_beta   90.000
_cell.angle_gamma   120.000
#
_symmetry.space_group_name_H-M   'P 32 2 1'
#
loop_
_entity.id
_entity.type
_entity.pdbx_description
1 polymer 'Putative methyltransferase'
2 non-polymer 1,2-ETHANEDIOL
3 water water
#
_entity_poly.entity_id   1
_entity_poly.type   'polypeptide(L)'
_entity_poly.pdbx_seq_one_letter_code
;(MSE)GSDKIHHHHHHENLYFQGLLPKYNILTEDQVQKIHENT(MSE)KILEEIGIEFEYEPALEVFRREGQKVEGKRVY
LTREFVESKLKSAPAEFTLHARNPENNVVIGGDNIVF(MSE)PGYGAPFIYELDGSRRKTTLQDYENFAKLAGASKN
(MSE)HLSGGT(MSE)AEPQDIPDGVRHLQ(MSE)LYSSIKNSDKCF(MSE)GSAEGKERAEDSVEIAAILFGGKDVIKE
KPVLVSLINSLTPLKYDER(MSE)LGAL(MSE)AYAEAGQAVIIASLV(MSE)AGSTGPASLAGTLSLQNAEVLAGISLA
QSINPGTPVIYGSTSALSD(MSE)RSGSLSIGSPECALFISASAQLARFYGVPSRSGGGLNDSKTVDAQAGYES(MSE)
(MSE)TL(MSE)AANLTGVNFVLHTAGILQYF(MSE)A(MSE)SYEKFI(MSE)DDEIAG(MSE)LLHY(MSE)KGYTFD
EDG(MSE)AFDVIEKVGPGGHFLTQKHTRKNHKREFYTPTLSDRSAYDTWAKEKLETKQRAHARWQQILANYVPPALDPE
IDAKLQAFIAQRGKEVGEE
;
_entity_poly.pdbx_strand_id   A,B
#
loop_
_chem_comp.id
_chem_comp.type
_chem_comp.name
_chem_comp.formula
EDO non-polymer 1,2-ETHANEDIOL 'C2 H6 O2'
#
# COMPACT_ATOMS: atom_id res chain seq x y z
N GLY A 19 -10.67 -14.93 -3.21
CA GLY A 19 -10.01 -15.94 -4.11
C GLY A 19 -10.49 -15.80 -5.55
N LEU A 20 -10.23 -14.65 -6.20
CA LEU A 20 -9.46 -13.54 -5.62
C LEU A 20 -10.32 -12.34 -5.14
N LEU A 21 -9.64 -11.37 -4.54
CA LEU A 21 -10.27 -10.19 -4.00
C LEU A 21 -10.77 -9.30 -5.14
N PRO A 22 -11.86 -8.51 -4.90
CA PRO A 22 -12.37 -7.60 -5.90
C PRO A 22 -11.47 -6.36 -6.08
N LYS A 23 -11.53 -5.75 -7.25
CA LYS A 23 -10.66 -4.65 -7.63
C LYS A 23 -11.21 -3.35 -7.05
N TYR A 24 -10.30 -2.47 -6.65
CA TYR A 24 -10.67 -1.18 -6.12
C TYR A 24 -10.85 -0.21 -7.29
N ASN A 25 -12.02 0.44 -7.35
CA ASN A 25 -12.33 1.50 -8.36
C ASN A 25 -12.37 2.84 -7.67
N ILE A 26 -11.43 3.72 -7.97
CA ILE A 26 -11.31 4.91 -7.14
C ILE A 26 -12.24 6.06 -7.61
N LEU A 27 -12.75 5.94 -8.83
CA LEU A 27 -13.52 6.99 -9.46
C LEU A 27 -14.95 6.55 -9.55
N THR A 28 -15.85 7.52 -9.53
CA THR A 28 -17.25 7.30 -9.80
C THR A 28 -17.50 7.24 -11.31
N GLU A 29 -18.62 6.64 -11.67
CA GLU A 29 -19.09 6.55 -13.05
C GLU A 29 -19.01 7.93 -13.76
N ASP A 30 -19.41 8.98 -13.04
CA ASP A 30 -19.49 10.34 -13.55
C ASP A 30 -18.14 10.90 -13.87
N GLN A 31 -17.25 10.74 -12.89
CA GLN A 31 -15.87 11.09 -13.01
C GLN A 31 -15.17 10.39 -14.18
N VAL A 32 -15.31 9.07 -14.29
CA VAL A 32 -14.84 8.35 -15.49
C VAL A 32 -15.38 9.04 -16.77
N GLN A 33 -16.65 9.42 -16.78
CA GLN A 33 -17.25 10.06 -17.97
C GLN A 33 -16.67 11.44 -18.29
N LYS A 34 -16.47 12.24 -17.24
CA LYS A 34 -15.77 13.50 -17.33
C LYS A 34 -14.36 13.39 -17.89
N ILE A 35 -13.59 12.39 -17.46
CA ILE A 35 -12.27 12.19 -18.04
C ILE A 35 -12.39 11.90 -19.55
N HIS A 36 -13.31 11.02 -19.88
CA HIS A 36 -13.52 10.62 -21.24
C HIS A 36 -13.95 11.77 -22.15
N GLU A 37 -14.91 12.58 -21.69
CA GLU A 37 -15.24 13.81 -22.36
C GLU A 37 -14.05 14.74 -22.56
N ASN A 38 -13.26 15.04 -21.51
CA ASN A 38 -12.10 15.93 -21.65
C ASN A 38 -11.06 15.37 -22.67
N THR A 39 -10.93 14.04 -22.71
CA THR A 39 -10.00 13.32 -23.59
C THR A 39 -10.40 13.42 -25.07
N MSE A 40 -11.68 13.20 -25.35
CA MSE A 40 -12.23 13.35 -26.70
C MSE A 40 -12.06 14.79 -27.21
O MSE A 40 -11.62 14.98 -28.33
CB MSE A 40 -13.70 12.95 -26.74
CG MSE A 40 -13.98 11.44 -26.41
SE MSE A 40 -12.87 10.19 -27.40
CE MSE A 40 -11.47 9.85 -26.16
N LYS A 41 -12.34 15.78 -26.36
CA LYS A 41 -12.08 17.18 -26.70
C LYS A 41 -10.63 17.45 -27.05
N ILE A 42 -9.70 16.95 -26.25
CA ILE A 42 -8.28 17.05 -26.57
C ILE A 42 -7.94 16.45 -27.94
N LEU A 43 -8.49 15.29 -28.23
CA LEU A 43 -8.20 14.65 -29.51
C LEU A 43 -8.90 15.33 -30.68
N GLU A 44 -10.09 15.87 -30.46
CA GLU A 44 -10.84 16.46 -31.57
C GLU A 44 -10.40 17.89 -31.85
N GLU A 45 -10.00 18.61 -30.80
CA GLU A 45 -9.71 20.03 -30.88
C GLU A 45 -8.26 20.39 -30.89
N ILE A 46 -7.42 19.64 -30.17
CA ILE A 46 -5.98 19.91 -30.09
C ILE A 46 -5.18 19.02 -31.06
N GLY A 47 -5.46 17.71 -31.04
CA GLY A 47 -4.77 16.74 -31.91
C GLY A 47 -3.43 16.24 -31.36
N ILE A 48 -2.85 15.27 -32.04
CA ILE A 48 -1.57 14.64 -31.67
C ILE A 48 -0.76 14.65 -32.95
N GLU A 49 0.54 14.89 -32.84
CA GLU A 49 1.46 14.77 -33.97
C GLU A 49 2.04 13.40 -34.09
N PHE A 50 1.95 12.85 -35.30
CA PHE A 50 2.47 11.52 -35.61
C PHE A 50 3.55 11.74 -36.65
N GLU A 51 4.80 11.68 -36.20
CA GLU A 51 5.95 12.00 -37.02
C GLU A 51 6.36 10.73 -37.79
N TYR A 52 5.48 10.26 -38.65
CA TYR A 52 5.72 9.06 -39.42
C TYR A 52 4.65 8.97 -40.53
N GLU A 53 5.05 9.37 -41.73
CA GLU A 53 4.14 9.36 -42.86
C GLU A 53 3.18 8.14 -42.93
N PRO A 54 3.69 6.90 -42.80
CA PRO A 54 2.74 5.76 -42.84
C PRO A 54 1.60 5.76 -41.79
N ALA A 55 1.86 6.29 -40.61
CA ALA A 55 0.78 6.41 -39.63
C ALA A 55 -0.21 7.49 -40.10
N LEU A 56 0.30 8.59 -40.64
CA LEU A 56 -0.55 9.62 -41.22
C LEU A 56 -1.44 9.06 -42.33
N GLU A 57 -0.91 8.30 -43.28
N GLU A 57 -0.85 8.30 -43.26
CA GLU A 57 -1.75 7.74 -44.33
CA GLU A 57 -1.54 7.58 -44.35
C GLU A 57 -2.82 6.78 -43.77
C GLU A 57 -2.72 6.73 -43.82
N VAL A 58 -2.55 6.08 -42.67
CA VAL A 58 -3.61 5.24 -42.06
C VAL A 58 -4.80 6.12 -41.60
N PHE A 59 -4.50 7.19 -40.89
CA PHE A 59 -5.56 8.06 -40.38
C PHE A 59 -6.32 8.78 -41.47
N ARG A 60 -5.62 9.11 -42.56
CA ARG A 60 -6.23 9.65 -43.75
C ARG A 60 -7.29 8.71 -44.31
N ARG A 61 -6.95 7.45 -44.56
CA ARG A 61 -7.88 6.46 -45.11
C ARG A 61 -9.04 6.23 -44.13
N GLU A 62 -8.79 6.43 -42.84
CA GLU A 62 -9.85 6.31 -41.85
C GLU A 62 -10.76 7.54 -41.80
N GLY A 63 -10.47 8.56 -42.61
CA GLY A 63 -11.29 9.75 -42.69
C GLY A 63 -11.01 10.81 -41.67
N GLN A 64 -9.80 10.80 -41.12
CA GLN A 64 -9.46 11.70 -40.00
C GLN A 64 -8.60 12.88 -40.53
N LYS A 65 -8.79 14.05 -39.94
CA LYS A 65 -8.13 15.28 -40.39
C LYS A 65 -6.64 15.27 -40.05
N VAL A 66 -5.80 15.54 -41.04
CA VAL A 66 -4.34 15.65 -40.85
C VAL A 66 -3.82 17.01 -41.40
N GLU A 67 -3.23 17.85 -40.56
CA GLU A 67 -2.59 19.11 -41.02
C GLU A 67 -1.09 19.03 -40.74
N GLY A 68 -0.29 18.83 -41.78
CA GLY A 68 1.10 18.44 -41.65
C GLY A 68 1.20 17.07 -41.00
N LYS A 69 1.72 17.05 -39.78
CA LYS A 69 1.83 15.84 -38.97
C LYS A 69 0.74 15.71 -37.92
N ARG A 70 -0.08 16.76 -37.75
CA ARG A 70 -1.07 16.77 -36.68
C ARG A 70 -2.37 16.07 -37.10
N VAL A 71 -2.76 15.02 -36.37
CA VAL A 71 -3.97 14.25 -36.61
C VAL A 71 -4.99 14.65 -35.51
N TYR A 72 -6.22 14.93 -35.94
CA TYR A 72 -7.36 15.18 -35.07
C TYR A 72 -8.27 13.97 -35.18
N LEU A 73 -8.57 13.35 -34.04
CA LEU A 73 -9.33 12.12 -34.00
C LEU A 73 -10.68 12.32 -33.33
N THR A 74 -11.74 11.81 -33.95
CA THR A 74 -13.08 12.04 -33.46
C THR A 74 -13.41 10.90 -32.50
N ARG A 75 -14.28 11.16 -31.53
CA ARG A 75 -14.74 10.10 -30.64
C ARG A 75 -15.47 9.01 -31.41
N GLU A 76 -16.14 9.36 -32.49
CA GLU A 76 -16.83 8.36 -33.30
C GLU A 76 -15.78 7.32 -33.73
N PHE A 77 -14.64 7.82 -34.20
CA PHE A 77 -13.56 6.95 -34.67
C PHE A 77 -12.84 6.22 -33.55
N VAL A 78 -12.50 6.92 -32.46
CA VAL A 78 -11.74 6.30 -31.35
C VAL A 78 -12.59 5.21 -30.70
N GLU A 79 -13.82 5.53 -30.34
CA GLU A 79 -14.72 4.59 -29.67
C GLU A 79 -15.02 3.36 -30.53
N SER A 80 -15.04 3.57 -31.84
CA SER A 80 -15.22 2.47 -32.79
C SER A 80 -14.05 1.53 -32.78
N LYS A 81 -12.85 2.09 -32.85
CA LYS A 81 -11.61 1.31 -32.91
C LYS A 81 -11.31 0.56 -31.59
N LEU A 82 -11.61 1.19 -30.45
CA LEU A 82 -11.45 0.55 -29.16
C LEU A 82 -12.27 -0.74 -29.03
N LYS A 83 -13.45 -0.79 -29.65
CA LYS A 83 -14.32 -1.97 -29.59
C LYS A 83 -13.69 -3.22 -30.18
N SER A 84 -12.79 -3.07 -31.14
CA SER A 84 -12.13 -4.25 -31.72
C SER A 84 -10.96 -4.78 -30.89
N ALA A 85 -10.47 -3.98 -29.93
CA ALA A 85 -9.39 -4.41 -29.03
C ALA A 85 -9.89 -5.41 -27.99
N PRO A 86 -9.25 -6.58 -27.93
CA PRO A 86 -9.64 -7.65 -27.03
C PRO A 86 -9.39 -7.35 -25.54
N ALA A 87 -10.34 -7.75 -24.71
CA ALA A 87 -10.34 -7.48 -23.28
C ALA A 87 -9.26 -8.32 -22.59
N GLU A 88 -8.93 -9.45 -23.25
CA GLU A 88 -8.00 -10.44 -22.76
C GLU A 88 -7.28 -11.04 -23.96
N PHE A 89 -6.02 -11.38 -23.78
CA PHE A 89 -5.31 -12.24 -24.72
C PHE A 89 -4.22 -13.00 -23.96
N THR A 90 -3.61 -13.97 -24.64
CA THR A 90 -2.58 -14.83 -24.09
C THR A 90 -1.23 -14.58 -24.77
N LEU A 91 -0.20 -14.43 -23.95
CA LEU A 91 1.16 -14.42 -24.43
C LEU A 91 1.78 -15.81 -24.20
N HIS A 92 2.47 -16.28 -25.22
CA HIS A 92 2.91 -17.63 -25.30
C HIS A 92 4.39 -17.74 -25.08
N ALA A 93 4.80 -18.59 -24.14
CA ALA A 93 6.21 -18.81 -23.72
C ALA A 93 6.78 -20.10 -24.33
N ARG A 94 8.14 -20.20 -24.46
CA ARG A 94 8.90 -21.39 -24.96
C ARG A 94 8.37 -22.63 -24.29
N ASN A 95 8.25 -22.55 -22.96
CA ASN A 95 7.64 -23.56 -22.10
C ASN A 95 6.21 -23.08 -21.88
N PRO A 96 5.23 -23.77 -22.49
CA PRO A 96 3.82 -23.35 -22.44
C PRO A 96 3.20 -23.24 -21.05
N GLU A 97 3.80 -23.88 -20.07
CA GLU A 97 3.37 -23.65 -18.68
C GLU A 97 3.54 -22.22 -18.25
N ASN A 98 4.43 -21.51 -18.94
CA ASN A 98 4.59 -20.10 -18.64
C ASN A 98 3.76 -19.21 -19.53
N ASN A 99 2.77 -19.76 -20.23
CA ASN A 99 1.84 -18.93 -20.95
C ASN A 99 1.13 -18.02 -19.94
N VAL A 100 0.71 -16.85 -20.40
CA VAL A 100 0.28 -15.79 -19.52
C VAL A 100 -0.98 -15.13 -20.14
N VAL A 101 -2.03 -14.98 -19.34
CA VAL A 101 -3.22 -14.25 -19.72
C VAL A 101 -3.04 -12.80 -19.32
N ILE A 102 -3.19 -11.93 -20.32
CA ILE A 102 -3.15 -10.51 -20.08
C ILE A 102 -4.58 -10.00 -20.15
N GLY A 103 -5.15 -9.66 -19.00
CA GLY A 103 -6.42 -8.96 -18.95
C GLY A 103 -7.51 -9.44 -18.02
N GLY A 104 -7.32 -10.44 -17.20
CA GLY A 104 -8.58 -10.77 -16.48
C GLY A 104 -8.80 -9.92 -15.24
N ASP A 105 -9.18 -10.60 -14.18
CA ASP A 105 -8.67 -10.29 -12.85
C ASP A 105 -7.15 -10.57 -12.75
N ASN A 106 -6.56 -11.10 -13.82
CA ASN A 106 -5.15 -11.51 -13.84
C ASN A 106 -4.20 -10.32 -13.61
N ILE A 107 -3.00 -10.67 -13.11
CA ILE A 107 -1.88 -9.72 -12.90
C ILE A 107 -0.59 -10.43 -13.32
N VAL A 108 0.29 -9.77 -14.06
CA VAL A 108 1.61 -10.35 -14.36
C VAL A 108 2.69 -9.36 -13.98
N PHE A 109 3.78 -9.88 -13.43
CA PHE A 109 4.91 -9.07 -12.91
C PHE A 109 6.12 -9.34 -13.78
N MSE A 110 7.00 -8.35 -13.88
CA MSE A 110 8.29 -8.56 -14.55
C MSE A 110 9.31 -7.49 -14.12
O MSE A 110 8.95 -6.52 -13.44
CB MSE A 110 8.05 -8.50 -16.05
CG MSE A 110 7.73 -7.12 -16.50
SE MSE A 110 6.60 -7.19 -18.03
CE MSE A 110 5.06 -7.85 -16.98
N PRO A 111 10.58 -7.66 -14.51
CA PRO A 111 11.54 -6.67 -14.04
C PRO A 111 11.37 -5.27 -14.59
N GLY A 112 12.12 -4.34 -14.01
CA GLY A 112 12.35 -3.02 -14.58
C GLY A 112 12.85 -3.01 -16.02
N TYR A 113 12.63 -1.87 -16.71
CA TYR A 113 12.99 -1.70 -18.12
C TYR A 113 13.74 -0.38 -18.39
N GLY A 114 14.77 -0.45 -19.23
CA GLY A 114 15.43 0.75 -19.81
C GLY A 114 16.54 1.41 -19.00
N ALA A 115 16.80 0.99 -17.75
CA ALA A 115 17.80 1.66 -16.89
C ALA A 115 19.23 1.51 -17.45
N PRO A 116 19.98 2.65 -17.53
CA PRO A 116 21.35 2.65 -17.97
C PRO A 116 22.42 2.60 -16.85
N PHE A 117 22.00 2.69 -15.58
CA PHE A 117 22.89 2.52 -14.45
C PHE A 117 22.52 1.33 -13.58
N ILE A 118 23.54 0.80 -12.87
CA ILE A 118 23.35 -0.07 -11.73
C ILE A 118 23.75 0.74 -10.51
N TYR A 119 22.90 0.77 -9.48
CA TYR A 119 23.27 1.35 -8.19
C TYR A 119 23.67 0.21 -7.26
N GLU A 120 24.86 0.32 -6.67
CA GLU A 120 25.43 -0.80 -5.88
C GLU A 120 25.05 -0.65 -4.43
N LEU A 121 25.25 -1.70 -3.66
CA LEU A 121 24.93 -1.64 -2.24
C LEU A 121 25.67 -0.46 -1.59
N ASP A 122 26.96 -0.25 -1.92
CA ASP A 122 27.75 0.81 -1.28
C ASP A 122 27.45 2.22 -1.78
N GLY A 123 26.38 2.40 -2.57
CA GLY A 123 26.03 3.72 -3.04
C GLY A 123 26.54 4.06 -4.43
N SER A 124 27.63 3.44 -4.85
CA SER A 124 28.21 3.72 -6.15
C SER A 124 27.28 3.37 -7.33
N ARG A 125 27.52 4.04 -8.45
CA ARG A 125 26.88 3.68 -9.68
C ARG A 125 27.83 3.35 -10.81
N ARG A 126 27.33 2.57 -11.74
CA ARG A 126 28.07 2.25 -12.93
C ARG A 126 27.11 1.97 -14.07
N LYS A 127 27.69 1.93 -15.26
CA LYS A 127 27.01 1.61 -16.49
C LYS A 127 26.51 0.18 -16.50
N THR A 128 25.33 -0.03 -17.06
CA THR A 128 24.80 -1.36 -17.33
C THR A 128 25.55 -2.01 -18.49
N THR A 129 25.68 -3.33 -18.43
CA THR A 129 26.32 -4.14 -19.47
C THR A 129 25.35 -5.30 -19.87
N LEU A 130 25.73 -6.06 -20.87
CA LEU A 130 25.01 -7.26 -21.24
C LEU A 130 24.97 -8.30 -20.12
N GLN A 131 26.02 -8.37 -19.30
CA GLN A 131 26.04 -9.33 -18.19
C GLN A 131 24.93 -8.98 -17.15
N ASP A 132 24.73 -7.69 -16.90
CA ASP A 132 23.60 -7.21 -16.10
C ASP A 132 22.27 -7.64 -16.68
N TYR A 133 22.08 -7.36 -17.96
CA TYR A 133 20.90 -7.83 -18.66
C TYR A 133 20.66 -9.31 -18.37
N GLU A 134 21.69 -10.13 -18.64
CA GLU A 134 21.60 -11.56 -18.44
C GLU A 134 21.27 -11.89 -16.98
N ASN A 135 21.95 -11.22 -16.04
CA ASN A 135 21.69 -11.48 -14.64
C ASN A 135 20.25 -11.27 -14.25
N PHE A 136 19.64 -10.19 -14.72
CA PHE A 136 18.22 -9.93 -14.46
C PHE A 136 17.27 -10.91 -15.15
N ALA A 137 17.65 -11.38 -16.34
CA ALA A 137 16.88 -12.43 -16.99
C ALA A 137 16.91 -13.70 -16.10
N LYS A 138 18.06 -14.00 -15.50
CA LYS A 138 18.15 -15.18 -14.67
C LYS A 138 17.35 -15.04 -13.35
N LEU A 139 17.54 -13.93 -12.66
CA LEU A 139 16.74 -13.57 -11.50
C LEU A 139 15.23 -13.64 -11.75
N ALA A 140 14.75 -13.01 -12.80
CA ALA A 140 13.36 -13.19 -13.24
C ALA A 140 12.97 -14.67 -13.48
N GLY A 141 13.80 -15.38 -14.25
CA GLY A 141 13.64 -16.79 -14.52
C GLY A 141 13.48 -17.64 -13.28
N ALA A 142 14.27 -17.31 -12.26
CA ALA A 142 14.31 -18.04 -11.00
C ALA A 142 13.13 -17.74 -10.03
N SER A 143 12.53 -16.56 -10.18
CA SER A 143 11.51 -16.10 -9.25
C SER A 143 10.14 -16.64 -9.62
N LYS A 144 9.47 -17.19 -8.63
CA LYS A 144 8.09 -17.60 -8.72
C LYS A 144 7.13 -16.43 -8.90
N ASN A 145 7.51 -15.21 -8.51
CA ASN A 145 6.61 -14.05 -8.66
C ASN A 145 6.79 -13.24 -9.94
N MSE A 146 7.74 -13.62 -10.79
CA MSE A 146 7.94 -12.94 -12.07
C MSE A 146 7.41 -13.89 -13.09
O MSE A 146 7.88 -15.02 -13.20
CB MSE A 146 9.40 -12.61 -12.41
CG MSE A 146 10.15 -11.71 -11.41
SE MSE A 146 9.54 -9.91 -11.28
CE MSE A 146 8.66 -10.01 -9.50
N HIS A 147 6.41 -13.41 -13.83
CA HIS A 147 5.71 -14.23 -14.82
C HIS A 147 6.32 -14.02 -16.19
N LEU A 148 7.06 -12.93 -16.37
CA LEU A 148 7.81 -12.68 -17.61
C LEU A 148 9.23 -12.33 -17.19
N SER A 149 10.19 -12.59 -18.07
CA SER A 149 11.60 -12.26 -17.80
C SER A 149 11.84 -10.77 -18.06
N GLY A 150 11.02 -10.22 -18.94
CA GLY A 150 10.95 -8.78 -19.24
C GLY A 150 11.56 -8.38 -20.57
N GLY A 151 11.85 -7.10 -20.67
CA GLY A 151 12.68 -6.56 -21.71
C GLY A 151 13.55 -5.45 -21.20
N THR A 152 14.53 -5.09 -22.03
CA THR A 152 15.59 -4.11 -21.75
C THR A 152 15.93 -3.97 -20.27
N MSE A 153 16.25 -5.08 -19.59
CA MSE A 153 16.34 -5.06 -18.09
C MSE A 153 17.51 -4.24 -17.58
O MSE A 153 17.43 -3.68 -16.49
CB MSE A 153 16.39 -6.45 -17.48
CG MSE A 153 15.06 -7.21 -17.63
SE MSE A 153 14.92 -8.09 -19.36
CE MSE A 153 16.17 -9.53 -18.88
N ALA A 154 18.55 -4.17 -18.39
CA ALA A 154 19.73 -3.32 -18.17
C ALA A 154 20.18 -2.97 -19.57
N GLU A 155 20.44 -1.72 -19.88
CA GLU A 155 20.93 -1.36 -21.23
C GLU A 155 22.33 -1.90 -21.46
N PRO A 156 22.54 -2.76 -22.48
CA PRO A 156 23.87 -3.34 -22.72
C PRO A 156 24.86 -2.44 -23.41
N GLN A 157 25.37 -1.47 -22.66
CA GLN A 157 26.15 -0.34 -23.22
C GLN A 157 27.47 -0.81 -23.73
N ASP A 158 27.78 -1.97 -23.19
CA ASP A 158 28.68 -3.01 -23.69
C ASP A 158 28.76 -3.33 -25.20
N ILE A 159 27.62 -3.30 -25.87
CA ILE A 159 27.46 -3.87 -27.20
C ILE A 159 27.22 -2.76 -28.23
N PRO A 160 27.76 -2.92 -29.47
CA PRO A 160 27.48 -1.92 -30.49
C PRO A 160 25.99 -1.64 -30.59
N ASP A 161 25.64 -0.35 -30.61
CA ASP A 161 24.24 0.08 -30.63
C ASP A 161 23.33 -0.71 -31.60
N GLY A 162 23.83 -0.99 -32.80
CA GLY A 162 23.00 -1.60 -33.84
C GLY A 162 22.64 -3.06 -33.67
N VAL A 163 23.36 -3.78 -32.80
CA VAL A 163 23.05 -5.19 -32.56
C VAL A 163 22.58 -5.51 -31.11
N ARG A 164 22.49 -4.49 -30.26
CA ARG A 164 22.03 -4.63 -28.87
C ARG A 164 20.73 -5.43 -28.77
N HIS A 165 19.72 -5.05 -29.55
CA HIS A 165 18.44 -5.75 -29.52
C HIS A 165 18.56 -7.22 -29.84
N LEU A 166 19.43 -7.57 -30.79
CA LEU A 166 19.71 -8.97 -31.13
C LEU A 166 20.26 -9.78 -29.93
N GLN A 167 21.21 -9.18 -29.23
CA GLN A 167 21.86 -9.78 -28.07
C GLN A 167 20.95 -9.87 -26.85
N MSE A 168 20.12 -8.86 -26.60
CA MSE A 168 19.12 -8.93 -25.54
C MSE A 168 18.08 -10.02 -25.79
O MSE A 168 17.70 -10.75 -24.89
CB MSE A 168 18.39 -7.60 -25.40
CG MSE A 168 19.30 -6.47 -25.02
SE MSE A 168 18.40 -4.87 -24.47
CE MSE A 168 18.40 -3.73 -26.07
N LEU A 169 17.55 -10.09 -27.00
CA LEU A 169 16.52 -11.07 -27.33
C LEU A 169 17.02 -12.49 -27.15
N TYR A 170 18.23 -12.75 -27.66
CA TYR A 170 18.82 -14.07 -27.47
C TYR A 170 19.06 -14.39 -26.00
N SER A 171 19.59 -13.42 -25.26
CA SER A 171 19.90 -13.60 -23.82
C SER A 171 18.59 -13.85 -23.07
N SER A 172 17.50 -13.24 -23.53
CA SER A 172 16.18 -13.50 -22.93
C SER A 172 15.74 -14.94 -23.20
N ILE A 173 15.98 -15.42 -24.41
CA ILE A 173 15.42 -16.68 -24.82
C ILE A 173 16.22 -17.80 -24.17
N LYS A 174 17.52 -17.59 -24.05
CA LYS A 174 18.43 -18.61 -23.52
C LYS A 174 18.35 -18.74 -21.98
N ASN A 175 18.20 -17.63 -21.31
CA ASN A 175 18.27 -17.63 -19.84
C ASN A 175 16.95 -17.88 -19.08
N SER A 176 15.83 -17.80 -19.81
CA SER A 176 14.51 -18.03 -19.24
C SER A 176 13.59 -18.60 -20.30
N ASP A 177 12.72 -19.54 -19.89
CA ASP A 177 11.65 -20.05 -20.73
C ASP A 177 10.30 -19.36 -20.43
N LYS A 178 10.35 -18.10 -19.97
CA LYS A 178 9.14 -17.32 -19.78
C LYS A 178 9.03 -16.37 -20.95
N CYS A 179 7.91 -15.62 -21.03
CA CYS A 179 7.74 -14.65 -22.08
C CYS A 179 8.74 -13.53 -21.87
N PHE A 180 9.16 -12.93 -22.97
CA PHE A 180 10.07 -11.79 -23.03
C PHE A 180 9.55 -10.75 -24.02
N MSE A 181 10.19 -9.59 -24.08
CA MSE A 181 9.70 -8.45 -24.82
C MSE A 181 10.49 -8.19 -26.09
O MSE A 181 11.67 -8.56 -26.20
CB MSE A 181 9.74 -7.20 -23.94
CG MSE A 181 8.84 -7.29 -22.74
SE MSE A 181 8.86 -5.72 -21.58
CE MSE A 181 7.96 -4.44 -22.79
N GLY A 182 9.82 -7.58 -27.06
CA GLY A 182 10.48 -7.24 -28.33
C GLY A 182 11.13 -5.87 -28.17
N SER A 183 11.97 -5.51 -29.13
CA SER A 183 12.46 -4.15 -29.29
C SER A 183 11.35 -3.19 -29.85
N ALA A 184 11.34 -1.99 -29.29
CA ALA A 184 10.50 -0.87 -29.69
C ALA A 184 11.36 0.20 -30.37
N GLU A 185 12.60 -0.14 -30.73
CA GLU A 185 13.50 0.88 -31.29
C GLU A 185 13.48 0.96 -32.82
N GLY A 186 12.31 1.17 -33.37
CA GLY A 186 12.17 1.32 -34.79
C GLY A 186 11.57 0.10 -35.44
N LYS A 187 11.16 0.34 -36.68
CA LYS A 187 10.56 -0.65 -37.52
C LYS A 187 11.49 -1.85 -37.69
N GLU A 188 12.73 -1.58 -38.09
CA GLU A 188 13.67 -2.66 -38.45
C GLU A 188 13.97 -3.55 -37.24
N ARG A 189 14.22 -2.93 -36.08
CA ARG A 189 14.48 -3.70 -34.86
C ARG A 189 13.25 -4.46 -34.35
N ALA A 190 12.06 -3.91 -34.64
CA ALA A 190 10.79 -4.60 -34.36
C ALA A 190 10.64 -5.81 -35.27
N GLU A 191 10.99 -5.66 -36.54
CA GLU A 191 10.89 -6.75 -37.49
C GLU A 191 11.90 -7.84 -37.17
N ASP A 192 13.09 -7.45 -36.73
CA ASP A 192 14.05 -8.44 -36.20
C ASP A 192 13.44 -9.26 -35.04
N SER A 193 12.84 -8.56 -34.07
CA SER A 193 12.15 -9.20 -32.95
C SER A 193 11.12 -10.22 -33.40
N VAL A 194 10.35 -9.88 -34.44
CA VAL A 194 9.31 -10.73 -34.97
C VAL A 194 9.92 -11.97 -35.64
N GLU A 195 11.01 -11.77 -36.40
CA GLU A 195 11.76 -12.89 -36.98
C GLU A 195 12.27 -13.85 -35.89
N ILE A 196 12.86 -13.28 -34.85
CA ILE A 196 13.37 -14.11 -33.79
C ILE A 196 12.25 -14.92 -33.14
N ALA A 197 11.08 -14.29 -32.98
CA ALA A 197 9.94 -14.92 -32.29
C ALA A 197 9.39 -16.04 -33.16
N ALA A 198 9.47 -15.84 -34.47
CA ALA A 198 8.89 -16.75 -35.43
C ALA A 198 9.75 -17.98 -35.56
N ILE A 199 11.06 -17.78 -35.54
CA ILE A 199 12.02 -18.90 -35.47
C ILE A 199 11.77 -19.71 -34.21
N LEU A 200 11.72 -19.05 -33.08
CA LEU A 200 11.51 -19.77 -31.84
C LEU A 200 10.22 -20.63 -31.84
N PHE A 201 9.17 -20.17 -32.52
CA PHE A 201 7.85 -20.80 -32.42
C PHE A 201 7.34 -21.48 -33.67
N GLY A 202 8.13 -21.45 -34.75
CA GLY A 202 7.79 -22.15 -35.97
C GLY A 202 7.53 -21.26 -37.18
N GLY A 203 6.82 -20.14 -37.02
CA GLY A 203 6.53 -19.26 -38.17
C GLY A 203 5.89 -17.93 -37.80
N LYS A 204 5.91 -16.96 -38.71
CA LYS A 204 5.16 -15.71 -38.52
C LYS A 204 3.65 -15.97 -38.37
N ASP A 205 3.15 -16.96 -39.10
CA ASP A 205 1.75 -17.34 -38.98
C ASP A 205 1.36 -17.83 -37.60
N VAL A 206 2.12 -18.76 -37.05
CA VAL A 206 1.81 -19.32 -35.74
C VAL A 206 1.76 -18.24 -34.65
N ILE A 207 2.69 -17.28 -34.72
CA ILE A 207 2.80 -16.26 -33.67
C ILE A 207 1.76 -15.15 -33.86
N LYS A 208 1.20 -15.02 -35.07
CA LYS A 208 0.06 -14.12 -35.28
C LYS A 208 -1.22 -14.67 -34.63
N GLU A 209 -1.42 -15.98 -34.67
CA GLU A 209 -2.57 -16.64 -34.05
C GLU A 209 -2.38 -16.80 -32.53
N LYS A 210 -1.13 -17.04 -32.13
CA LYS A 210 -0.74 -17.21 -30.72
C LYS A 210 0.31 -16.18 -30.36
N PRO A 211 -0.09 -14.94 -29.97
CA PRO A 211 0.93 -13.92 -29.75
C PRO A 211 2.05 -14.33 -28.78
N VAL A 212 3.25 -13.88 -29.10
CA VAL A 212 4.47 -14.22 -28.38
C VAL A 212 5.07 -12.96 -27.73
N LEU A 213 5.27 -11.91 -28.52
CA LEU A 213 6.00 -10.73 -28.07
C LEU A 213 5.06 -9.68 -27.49
N VAL A 214 5.56 -8.96 -26.49
CA VAL A 214 4.91 -7.74 -26.04
C VAL A 214 6.02 -6.72 -26.02
N SER A 215 5.71 -5.47 -26.36
CA SER A 215 6.70 -4.42 -26.45
C SER A 215 6.10 -3.09 -26.04
N LEU A 216 6.97 -2.22 -25.52
CA LEU A 216 6.60 -0.92 -24.99
C LEU A 216 6.70 0.17 -26.03
N ILE A 217 5.55 0.70 -26.45
CA ILE A 217 5.45 1.85 -27.32
C ILE A 217 4.96 3.05 -26.51
N ASN A 218 5.85 4.05 -26.34
CA ASN A 218 5.57 5.27 -25.66
C ASN A 218 5.22 6.40 -26.61
N SER A 219 4.31 7.24 -26.16
CA SER A 219 4.09 8.50 -26.84
C SER A 219 5.22 9.39 -26.41
N LEU A 220 5.29 10.58 -26.99
CA LEU A 220 6.30 11.60 -26.67
C LEU A 220 5.53 12.81 -26.13
N THR A 221 5.33 12.82 -24.83
CA THR A 221 4.39 13.75 -24.24
C THR A 221 4.94 15.17 -24.23
N PRO A 222 4.08 16.20 -24.47
CA PRO A 222 2.65 16.14 -24.80
C PRO A 222 2.30 16.00 -26.28
N LEU A 223 1.36 15.08 -26.55
CA LEU A 223 0.63 15.01 -27.79
C LEU A 223 1.50 14.84 -29.03
N LYS A 224 2.52 13.98 -28.89
CA LYS A 224 3.32 13.57 -30.02
C LYS A 224 3.61 12.06 -29.97
N TYR A 225 3.93 11.51 -31.13
CA TYR A 225 4.57 10.21 -31.23
C TYR A 225 5.66 10.40 -32.28
N ASP A 226 6.87 9.91 -31.95
CA ASP A 226 8.05 9.97 -32.83
C ASP A 226 8.15 8.77 -33.77
N GLU A 227 9.00 8.91 -34.77
CA GLU A 227 9.17 7.96 -35.86
C GLU A 227 9.53 6.52 -35.42
N ARG A 228 10.42 6.42 -34.44
CA ARG A 228 10.98 5.15 -34.00
C ARG A 228 9.90 4.31 -33.32
N MSE A 229 9.09 4.93 -32.45
CA MSE A 229 8.00 4.25 -31.76
C MSE A 229 6.87 3.86 -32.70
O MSE A 229 6.38 2.74 -32.63
CB MSE A 229 7.44 5.15 -30.66
CG MSE A 229 8.33 5.38 -29.50
SE MSE A 229 8.76 3.75 -28.54
CE MSE A 229 10.00 4.64 -27.28
N LEU A 230 6.47 4.78 -33.56
CA LEU A 230 5.45 4.49 -34.59
C LEU A 230 5.89 3.38 -35.57
N GLY A 231 7.15 3.40 -35.97
CA GLY A 231 7.72 2.36 -36.80
C GLY A 231 7.58 0.99 -36.13
N ALA A 232 7.92 0.90 -34.84
CA ALA A 232 7.74 -0.36 -34.10
C ALA A 232 6.27 -0.74 -33.90
N LEU A 233 5.45 0.24 -33.47
CA LEU A 233 4.02 -0.01 -33.28
C LEU A 233 3.38 -0.59 -34.53
N MSE A 234 3.68 -0.04 -35.69
CA MSE A 234 2.99 -0.51 -36.91
C MSE A 234 3.52 -1.87 -37.37
O MSE A 234 2.78 -2.69 -37.87
CB MSE A 234 3.08 0.54 -38.01
CG MSE A 234 2.30 1.81 -37.64
SE MSE A 234 2.37 3.15 -39.05
CE MSE A 234 1.58 2.19 -40.56
N ALA A 235 4.79 -2.13 -37.14
CA ALA A 235 5.35 -3.46 -37.44
C ALA A 235 4.71 -4.54 -36.54
N TYR A 236 4.54 -4.24 -35.26
CA TYR A 236 3.95 -5.19 -34.35
C TYR A 236 2.45 -5.41 -34.57
N ALA A 237 1.73 -4.35 -34.93
CA ALA A 237 0.28 -4.46 -35.23
C ALA A 237 0.06 -5.32 -36.43
N GLU A 238 0.85 -5.06 -37.48
CA GLU A 238 0.88 -5.89 -38.70
C GLU A 238 1.17 -7.36 -38.42
N ALA A 239 2.07 -7.65 -37.48
CA ALA A 239 2.27 -9.06 -37.07
C ALA A 239 1.28 -9.28 -35.92
N GLY A 240 1.10 -10.46 -35.39
CA GLY A 240 -0.01 -10.40 -34.37
C GLY A 240 0.40 -9.88 -32.99
N GLN A 241 1.48 -9.09 -32.86
CA GLN A 241 2.16 -9.03 -31.54
C GLN A 241 1.72 -7.88 -30.68
N ALA A 242 1.68 -8.12 -29.37
CA ALA A 242 1.14 -7.16 -28.43
C ALA A 242 2.01 -5.93 -28.31
N VAL A 243 1.32 -4.80 -28.17
CA VAL A 243 1.98 -3.56 -27.85
C VAL A 243 1.35 -2.96 -26.57
N ILE A 244 2.20 -2.49 -25.66
CA ILE A 244 1.79 -1.57 -24.61
C ILE A 244 1.83 -0.17 -25.23
N ILE A 245 0.71 0.56 -25.22
CA ILE A 245 0.71 1.93 -25.70
C ILE A 245 0.65 2.74 -24.43
N ALA A 246 1.78 3.36 -24.08
CA ALA A 246 1.98 3.90 -22.76
C ALA A 246 2.35 5.34 -22.85
N SER A 247 1.69 6.15 -22.02
CA SER A 247 1.98 7.55 -21.92
C SER A 247 2.59 7.87 -20.53
N LEU A 248 3.75 8.49 -20.53
CA LEU A 248 4.40 9.05 -19.33
C LEU A 248 4.27 10.57 -19.37
N VAL A 249 3.22 11.07 -18.71
CA VAL A 249 3.02 12.50 -18.53
C VAL A 249 3.59 12.88 -17.18
N MSE A 250 4.41 13.92 -17.13
CA MSE A 250 4.88 14.45 -15.87
C MSE A 250 4.16 15.73 -15.51
O MSE A 250 4.40 16.77 -16.13
CB MSE A 250 6.35 14.75 -15.97
CG MSE A 250 7.17 13.52 -16.19
SE MSE A 250 9.08 13.89 -16.39
CE MSE A 250 9.29 15.44 -15.17
N ALA A 251 3.25 15.64 -14.54
CA ALA A 251 2.39 16.78 -14.10
C ALA A 251 3.23 17.96 -13.66
N GLY A 252 3.12 19.08 -14.38
CA GLY A 252 3.86 20.32 -14.10
C GLY A 252 4.99 20.56 -15.07
N SER A 253 5.25 19.59 -15.94
CA SER A 253 6.37 19.63 -16.87
C SER A 253 5.97 19.30 -18.31
N THR A 254 5.71 18.02 -18.57
CA THR A 254 5.16 17.58 -19.88
C THR A 254 3.63 17.44 -19.85
N GLY A 255 3.04 17.63 -18.68
CA GLY A 255 1.59 17.66 -18.53
C GLY A 255 1.21 18.75 -17.60
N PRO A 256 -0.09 19.09 -17.57
CA PRO A 256 -0.51 20.20 -16.72
C PRO A 256 -0.36 19.87 -15.25
N ALA A 257 -0.21 20.89 -14.40
CA ALA A 257 -0.07 20.72 -12.96
C ALA A 257 -1.44 20.45 -12.31
N SER A 258 -2.00 19.31 -12.67
CA SER A 258 -3.28 18.88 -12.12
C SER A 258 -3.47 17.37 -12.36
N LEU A 259 -4.20 16.73 -11.45
CA LEU A 259 -4.40 15.31 -11.53
C LEU A 259 -5.28 14.95 -12.74
N ALA A 260 -6.50 15.50 -12.79
CA ALA A 260 -7.46 15.13 -13.87
C ALA A 260 -6.97 15.50 -15.27
N GLY A 261 -6.12 16.54 -15.31
CA GLY A 261 -5.59 17.10 -16.53
C GLY A 261 -4.54 16.20 -17.07
N THR A 262 -3.58 15.88 -16.22
CA THR A 262 -2.53 14.94 -16.61
C THR A 262 -3.11 13.57 -16.98
N LEU A 263 -4.12 13.09 -16.25
CA LEU A 263 -4.79 11.84 -16.61
C LEU A 263 -5.46 11.90 -17.98
N SER A 264 -6.16 13.01 -18.25
CA SER A 264 -6.84 13.22 -19.55
C SER A 264 -5.82 13.25 -20.71
N LEU A 265 -4.72 13.96 -20.53
CA LEU A 265 -3.69 14.05 -21.56
C LEU A 265 -3.07 12.68 -21.83
N GLN A 266 -2.78 11.94 -20.77
CA GLN A 266 -2.28 10.56 -20.89
C GLN A 266 -3.32 9.73 -21.58
N ASN A 267 -4.57 9.92 -21.23
CA ASN A 267 -5.65 9.11 -21.84
C ASN A 267 -5.75 9.35 -23.33
N ALA A 268 -5.56 10.60 -23.74
CA ALA A 268 -5.64 11.01 -25.15
C ALA A 268 -4.51 10.35 -25.93
N GLU A 269 -3.31 10.43 -25.36
CA GLU A 269 -2.12 9.82 -25.96
C GLU A 269 -2.31 8.34 -26.14
N VAL A 270 -2.81 7.64 -25.13
CA VAL A 270 -2.93 6.19 -25.24
C VAL A 270 -4.00 5.78 -26.25
N LEU A 271 -5.19 6.36 -26.16
CA LEU A 271 -6.27 5.97 -27.08
C LEU A 271 -5.93 6.32 -28.54
N ALA A 272 -5.19 7.41 -28.78
CA ALA A 272 -4.76 7.73 -30.15
C ALA A 272 -3.90 6.61 -30.68
N GLY A 273 -2.96 6.16 -29.85
CA GLY A 273 -2.11 5.04 -30.18
C GLY A 273 -2.79 3.69 -30.41
N ILE A 274 -3.72 3.33 -29.52
CA ILE A 274 -4.50 2.09 -29.64
C ILE A 274 -5.38 2.11 -30.90
N SER A 275 -5.95 3.29 -31.19
CA SER A 275 -6.82 3.42 -32.33
C SER A 275 -6.02 3.26 -33.64
N LEU A 276 -4.75 3.65 -33.64
CA LEU A 276 -3.86 3.38 -34.79
C LEU A 276 -3.58 1.90 -34.99
N ALA A 277 -3.27 1.22 -33.92
CA ALA A 277 -3.04 -0.22 -33.97
C ALA A 277 -4.28 -0.95 -34.51
N GLN A 278 -5.43 -0.62 -33.97
CA GLN A 278 -6.68 -1.27 -34.35
C GLN A 278 -7.13 -0.92 -35.76
N SER A 279 -6.73 0.24 -36.30
CA SER A 279 -6.93 0.57 -37.71
C SER A 279 -6.09 -0.31 -38.61
N ILE A 280 -4.91 -0.69 -38.14
CA ILE A 280 -4.00 -1.49 -38.94
C ILE A 280 -4.41 -2.95 -38.94
N ASN A 281 -4.82 -3.46 -37.78
CA ASN A 281 -5.15 -4.88 -37.59
C ASN A 281 -6.20 -4.91 -36.53
N PRO A 282 -7.47 -4.86 -36.90
CA PRO A 282 -8.52 -4.92 -35.91
C PRO A 282 -8.42 -6.21 -35.08
N GLY A 283 -8.46 -6.09 -33.75
CA GLY A 283 -8.29 -7.26 -32.88
C GLY A 283 -6.87 -7.56 -32.42
N THR A 284 -5.90 -6.76 -32.87
CA THR A 284 -4.53 -6.95 -32.51
C THR A 284 -4.40 -6.60 -31.02
N PRO A 285 -3.61 -7.39 -30.26
CA PRO A 285 -3.48 -7.23 -28.80
C PRO A 285 -2.81 -5.94 -28.37
N VAL A 286 -3.51 -5.17 -27.54
CA VAL A 286 -2.98 -3.91 -27.00
C VAL A 286 -3.17 -3.87 -25.51
N ILE A 287 -2.34 -3.08 -24.84
CA ILE A 287 -2.44 -2.85 -23.41
C ILE A 287 -2.43 -1.34 -23.21
N TYR A 288 -3.42 -0.85 -22.45
CA TYR A 288 -3.48 0.54 -22.05
C TYR A 288 -2.40 0.81 -21.01
N GLY A 289 -1.47 1.71 -21.30
CA GLY A 289 -0.28 1.90 -20.42
C GLY A 289 -0.20 3.26 -19.78
N SER A 290 -0.10 3.30 -18.46
CA SER A 290 0.06 4.57 -17.73
C SER A 290 1.35 4.55 -16.99
N THR A 291 2.23 5.50 -17.33
CA THR A 291 3.43 5.72 -16.61
C THR A 291 3.45 7.10 -15.98
N SER A 292 2.34 7.82 -16.06
CA SER A 292 2.28 9.21 -15.60
C SER A 292 2.60 9.32 -14.13
N ALA A 293 3.20 10.47 -13.78
CA ALA A 293 3.72 10.82 -12.48
C ALA A 293 3.81 12.35 -12.28
N LEU A 294 4.57 12.75 -11.23
CA LEU A 294 4.80 14.15 -10.84
C LEU A 294 6.11 14.69 -11.41
N SER A 295 6.13 15.95 -11.78
CA SER A 295 7.38 16.68 -11.90
C SER A 295 7.52 17.43 -10.59
N ASP A 296 8.41 16.97 -9.73
CA ASP A 296 8.51 17.53 -8.41
C ASP A 296 8.98 18.98 -8.51
N MSE A 297 8.37 19.84 -7.71
CA MSE A 297 8.61 21.27 -7.82
C MSE A 297 10.03 21.63 -7.30
O MSE A 297 10.73 22.38 -7.95
CB MSE A 297 7.50 22.01 -7.08
CG MSE A 297 7.57 23.56 -7.11
SE MSE A 297 7.49 24.33 -8.91
CE MSE A 297 5.53 24.31 -9.19
N ARG A 298 10.44 21.06 -6.18
CA ARG A 298 11.74 21.39 -5.59
C ARG A 298 12.90 20.82 -6.43
N SER A 299 12.77 19.58 -6.90
CA SER A 299 13.83 18.91 -7.67
C SER A 299 13.78 19.17 -9.18
N GLY A 300 12.62 19.50 -9.73
CA GLY A 300 12.50 19.68 -11.16
C GLY A 300 12.53 18.38 -11.95
N SER A 301 12.48 17.25 -11.26
CA SER A 301 12.59 15.95 -11.89
C SER A 301 11.33 15.07 -11.71
N LEU A 302 11.29 14.01 -12.51
CA LEU A 302 10.25 13.00 -12.41
C LEU A 302 10.21 12.48 -10.97
N SER A 303 9.02 12.28 -10.42
CA SER A 303 8.83 11.67 -9.13
C SER A 303 7.77 10.60 -9.25
N ILE A 304 8.19 9.35 -9.16
CA ILE A 304 7.28 8.23 -9.30
C ILE A 304 6.91 7.60 -7.98
N GLY A 305 7.65 7.88 -6.92
CA GLY A 305 7.25 7.41 -5.60
C GLY A 305 6.23 8.36 -4.94
N SER A 306 5.47 9.08 -5.72
CA SER A 306 4.57 10.07 -5.22
C SER A 306 3.16 9.49 -5.14
N PRO A 307 2.35 10.02 -4.20
CA PRO A 307 0.97 9.61 -4.19
C PRO A 307 0.17 10.03 -5.47
N GLU A 308 0.67 11.03 -6.19
CA GLU A 308 0.13 11.40 -7.48
C GLU A 308 0.30 10.24 -8.45
N CYS A 309 1.50 9.66 -8.49
CA CYS A 309 1.74 8.46 -9.27
C CYS A 309 0.75 7.37 -8.85
N ALA A 310 0.67 7.09 -7.54
CA ALA A 310 -0.34 6.10 -7.08
C ALA A 310 -1.79 6.39 -7.58
N LEU A 311 -2.18 7.66 -7.63
CA LEU A 311 -3.52 8.01 -8.14
C LEU A 311 -3.66 7.82 -9.64
N PHE A 312 -2.63 8.18 -10.38
CA PHE A 312 -2.60 7.89 -11.83
C PHE A 312 -2.68 6.38 -12.12
N ILE A 313 -2.01 5.58 -11.31
CA ILE A 313 -2.04 4.11 -11.53
C ILE A 313 -3.46 3.61 -11.30
N SER A 314 -4.00 3.96 -10.13
CA SER A 314 -5.32 3.48 -9.72
C SER A 314 -6.42 3.86 -10.76
N ALA A 315 -6.41 5.09 -11.23
CA ALA A 315 -7.44 5.59 -12.13
C ALA A 315 -7.27 4.96 -13.47
N SER A 316 -6.02 4.75 -13.87
CA SER A 316 -5.79 4.15 -15.16
C SER A 316 -6.25 2.70 -15.22
N ALA A 317 -6.13 1.99 -14.08
CA ALA A 317 -6.58 0.60 -14.01
C ALA A 317 -8.07 0.56 -14.32
N GLN A 318 -8.79 1.56 -13.80
CA GLN A 318 -10.22 1.63 -13.96
C GLN A 318 -10.65 2.17 -15.36
N LEU A 319 -9.94 3.15 -15.92
CA LEU A 319 -10.15 3.55 -17.32
C LEU A 319 -9.99 2.38 -18.30
N ALA A 320 -8.96 1.55 -18.10
CA ALA A 320 -8.75 0.45 -18.99
C ALA A 320 -9.96 -0.46 -18.98
N ARG A 321 -10.53 -0.71 -17.79
CA ARG A 321 -11.70 -1.55 -17.67
C ARG A 321 -12.86 -0.93 -18.44
N PHE A 322 -12.99 0.38 -18.33
CA PHE A 322 -14.00 1.15 -19.03
C PHE A 322 -13.84 0.97 -20.53
N TYR A 323 -12.65 1.11 -21.06
CA TYR A 323 -12.42 0.89 -22.47
C TYR A 323 -12.32 -0.56 -22.92
N GLY A 324 -12.34 -1.50 -21.99
CA GLY A 324 -12.35 -2.94 -22.31
C GLY A 324 -11.04 -3.49 -22.84
N VAL A 325 -9.92 -2.97 -22.33
CA VAL A 325 -8.62 -3.50 -22.70
C VAL A 325 -7.84 -3.74 -21.43
N PRO A 326 -6.79 -4.57 -21.53
CA PRO A 326 -5.93 -4.73 -20.37
C PRO A 326 -5.13 -3.47 -20.07
N SER A 327 -4.66 -3.39 -18.82
CA SER A 327 -3.83 -2.29 -18.35
C SER A 327 -2.41 -2.71 -17.94
N ARG A 328 -1.50 -1.78 -18.17
CA ARG A 328 -0.23 -1.72 -17.56
C ARG A 328 -0.03 -0.39 -16.82
N SER A 329 0.49 -0.45 -15.61
CA SER A 329 0.89 0.74 -14.89
C SER A 329 1.62 0.27 -13.63
N GLY A 330 2.27 1.18 -12.95
CA GLY A 330 2.84 0.91 -11.63
C GLY A 330 4.05 0.03 -11.66
N GLY A 331 4.27 -0.70 -10.57
CA GLY A 331 5.54 -1.36 -10.36
C GLY A 331 6.00 -1.02 -8.97
N GLY A 332 7.19 -1.51 -8.62
CA GLY A 332 7.89 -1.06 -7.42
C GLY A 332 8.53 0.31 -7.59
N LEU A 333 7.70 1.33 -7.78
CA LEU A 333 8.18 2.65 -8.19
C LEU A 333 8.54 3.52 -6.99
N ASN A 334 9.67 4.21 -7.13
CA ASN A 334 10.28 4.99 -6.08
C ASN A 334 11.31 5.97 -6.67
N ASP A 335 11.72 6.93 -5.87
CA ASP A 335 12.65 7.98 -6.24
C ASP A 335 13.92 7.92 -5.41
N SER A 336 14.09 6.86 -4.61
CA SER A 336 15.26 6.69 -3.77
C SER A 336 16.50 6.26 -4.56
N LYS A 337 17.69 6.62 -4.05
CA LYS A 337 18.96 6.26 -4.66
C LYS A 337 19.51 4.98 -4.01
N THR A 338 18.87 4.52 -2.94
CA THR A 338 19.34 3.38 -2.21
C THR A 338 18.19 2.49 -1.74
N VAL A 339 18.50 1.24 -1.37
CA VAL A 339 17.47 0.33 -0.88
C VAL A 339 17.25 0.57 0.62
N ASP A 340 16.55 1.67 0.90
CA ASP A 340 16.30 2.11 2.28
C ASP A 340 14.81 2.18 2.54
N ALA A 341 14.40 2.90 3.56
CA ALA A 341 13.02 2.92 3.97
C ALA A 341 12.13 3.56 2.91
N GLN A 342 12.58 4.64 2.29
CA GLN A 342 11.90 5.25 1.12
C GLN A 342 11.74 4.32 -0.04
N ALA A 343 12.77 3.58 -0.42
CA ALA A 343 12.60 2.56 -1.45
C ALA A 343 11.43 1.66 -0.99
N GLY A 344 11.38 1.34 0.31
CA GLY A 344 10.35 0.40 0.77
C GLY A 344 8.98 0.96 0.68
N TYR A 345 8.79 2.14 1.23
CA TYR A 345 7.43 2.64 1.36
C TYR A 345 6.90 3.16 0.04
N GLU A 346 7.74 3.81 -0.74
CA GLU A 346 7.31 4.31 -2.04
C GLU A 346 6.90 3.17 -2.96
N SER A 347 7.75 2.13 -3.02
CA SER A 347 7.53 1.01 -3.95
C SER A 347 6.33 0.15 -3.53
N MSE A 348 6.16 -0.06 -2.23
CA MSE A 348 4.95 -0.74 -1.76
C MSE A 348 3.69 0.02 -2.05
O MSE A 348 2.69 -0.58 -2.31
CB MSE A 348 5.03 -1.02 -0.24
CG MSE A 348 3.79 -1.62 0.35
SE MSE A 348 3.29 -3.31 -0.39
CE MSE A 348 4.47 -4.37 0.70
N MSE A 349 3.73 1.35 -1.99
N MSE A 349 3.74 1.35 -1.98
CA MSE A 349 2.52 2.18 -2.26
CA MSE A 349 2.55 2.20 -2.25
C MSE A 349 2.06 2.02 -3.69
C MSE A 349 2.08 2.05 -3.68
O MSE A 349 0.88 1.83 -3.97
O MSE A 349 0.89 1.88 -3.94
CB MSE A 349 2.74 3.67 -2.00
CB MSE A 349 2.87 3.69 -2.01
CG MSE A 349 1.44 4.46 -2.04
CG MSE A 349 1.74 4.61 -2.34
SE MSE A 349 1.59 6.38 -1.68
SE MSE A 349 2.08 6.49 -1.96
CE MSE A 349 -0.16 6.65 -0.86
CE MSE A 349 3.52 6.82 -3.23
N THR A 350 3.01 2.16 -4.61
CA THR A 350 2.73 2.14 -6.03
C THR A 350 2.41 0.74 -6.51
N LEU A 351 3.07 -0.31 -5.97
CA LEU A 351 2.73 -1.69 -6.35
C LEU A 351 1.42 -2.14 -5.70
N MSE A 352 1.19 -1.74 -4.47
CA MSE A 352 -0.06 -2.10 -3.85
C MSE A 352 -1.23 -1.42 -4.56
O MSE A 352 -2.29 -2.05 -4.78
CB MSE A 352 -0.06 -1.72 -2.36
CG MSE A 352 -1.31 -2.16 -1.64
SE MSE A 352 -1.15 -1.85 0.23
CE MSE A 352 -2.73 -2.69 0.83
N ALA A 353 -1.05 -0.17 -4.94
CA ALA A 353 -2.06 0.48 -5.78
C ALA A 353 -2.34 -0.34 -7.04
N ALA A 354 -1.30 -0.78 -7.74
CA ALA A 354 -1.42 -1.52 -8.98
C ALA A 354 -2.19 -2.79 -8.77
N ASN A 355 -1.87 -3.49 -7.69
CA ASN A 355 -2.50 -4.79 -7.40
C ASN A 355 -3.96 -4.64 -7.03
N LEU A 356 -4.24 -3.75 -6.08
CA LEU A 356 -5.58 -3.59 -5.52
C LEU A 356 -6.58 -3.02 -6.53
N THR A 357 -6.13 -2.07 -7.35
CA THR A 357 -6.97 -1.54 -8.43
C THR A 357 -7.06 -2.42 -9.69
N GLY A 358 -6.30 -3.51 -9.75
CA GLY A 358 -6.45 -4.52 -10.83
C GLY A 358 -5.72 -4.21 -12.11
N VAL A 359 -4.52 -3.67 -12.01
CA VAL A 359 -3.63 -3.57 -13.18
C VAL A 359 -3.34 -5.01 -13.66
N ASN A 360 -3.19 -5.21 -14.97
CA ASN A 360 -3.01 -6.53 -15.54
C ASN A 360 -1.57 -6.93 -15.79
N PHE A 361 -0.73 -5.93 -16.10
CA PHE A 361 0.64 -6.12 -16.61
C PHE A 361 1.58 -5.05 -15.91
N VAL A 362 2.44 -5.50 -15.02
CA VAL A 362 3.26 -4.59 -14.21
C VAL A 362 4.69 -4.66 -14.62
N LEU A 363 5.00 -3.86 -15.64
CA LEU A 363 6.37 -3.58 -15.94
C LEU A 363 7.00 -2.84 -14.75
N HIS A 364 8.27 -3.11 -14.52
CA HIS A 364 9.02 -2.50 -13.45
C HIS A 364 8.54 -2.96 -12.11
N THR A 365 8.02 -4.17 -12.00
CA THR A 365 7.71 -4.68 -10.68
C THR A 365 8.98 -4.70 -9.82
N ALA A 366 10.08 -5.15 -10.42
CA ALA A 366 11.29 -5.49 -9.69
C ALA A 366 12.58 -4.78 -10.21
N GLY A 367 13.26 -4.10 -9.28
CA GLY A 367 14.63 -3.64 -9.46
C GLY A 367 14.89 -2.16 -9.56
N ILE A 368 13.86 -1.39 -9.87
CA ILE A 368 14.01 0.02 -10.15
C ILE A 368 14.30 0.89 -8.92
N LEU A 369 15.30 1.77 -9.12
CA LEU A 369 15.57 2.90 -8.21
C LEU A 369 15.58 4.21 -9.02
N GLN A 370 15.45 5.31 -8.28
CA GLN A 370 15.50 6.65 -8.80
C GLN A 370 14.74 6.85 -10.13
N TYR A 371 13.43 6.73 -10.03
CA TYR A 371 12.50 7.13 -11.13
C TYR A 371 13.00 6.65 -12.49
N PHE A 372 13.41 5.38 -12.52
CA PHE A 372 13.75 4.63 -13.72
C PHE A 372 15.20 4.81 -14.16
N MSE A 373 16.02 5.56 -13.42
CA MSE A 373 17.40 5.78 -13.85
C MSE A 373 18.29 4.55 -13.59
O MSE A 373 19.32 4.43 -14.19
CB MSE A 373 17.97 6.99 -13.12
CG MSE A 373 17.25 8.27 -13.45
SE MSE A 373 17.78 8.78 -15.26
CE MSE A 373 19.71 8.37 -15.16
N ALA A 374 17.87 3.64 -12.68
CA ALA A 374 18.75 2.61 -12.15
C ALA A 374 18.00 1.32 -11.92
N MSE A 375 18.73 0.21 -12.12
CA MSE A 375 18.40 -1.07 -11.50
C MSE A 375 19.36 -1.35 -10.34
O MSE A 375 20.49 -0.86 -10.28
CB MSE A 375 18.49 -2.18 -12.50
CG MSE A 375 17.45 -2.06 -13.58
SE MSE A 375 15.72 -2.72 -13.01
CE MSE A 375 16.06 -4.58 -13.38
N SER A 376 18.88 -2.15 -9.42
CA SER A 376 19.64 -2.56 -8.28
C SER A 376 19.27 -4.01 -8.01
N TYR A 377 20.28 -4.81 -7.74
CA TYR A 377 20.10 -6.22 -7.48
C TYR A 377 19.42 -6.45 -6.11
N GLU A 378 19.76 -5.62 -5.15
CA GLU A 378 19.14 -5.69 -3.83
C GLU A 378 17.68 -5.26 -3.94
N LYS A 379 17.42 -4.26 -4.75
CA LYS A 379 16.08 -3.74 -4.94
C LYS A 379 15.22 -4.80 -5.61
N PHE A 380 15.83 -5.64 -6.43
CA PHE A 380 15.10 -6.68 -7.13
C PHE A 380 14.52 -7.69 -6.14
N ILE A 381 15.36 -8.12 -5.21
CA ILE A 381 14.99 -9.01 -4.13
C ILE A 381 13.91 -8.36 -3.21
N MSE A 382 14.09 -7.09 -2.87
CA MSE A 382 13.09 -6.37 -2.09
C MSE A 382 11.71 -6.40 -2.79
O MSE A 382 10.69 -6.70 -2.21
CB MSE A 382 13.53 -4.89 -1.88
CG MSE A 382 12.83 -4.23 -0.71
SE MSE A 382 12.44 -2.41 -1.00
CE MSE A 382 10.99 -2.62 -2.21
N ASP A 383 11.73 -6.03 -4.05
CA ASP A 383 10.54 -5.97 -4.83
C ASP A 383 9.89 -7.33 -5.00
N ASP A 384 10.71 -8.38 -5.09
CA ASP A 384 10.19 -9.69 -5.25
C ASP A 384 9.43 -10.08 -3.98
N GLU A 385 9.89 -9.59 -2.83
CA GLU A 385 9.20 -9.83 -1.55
C GLU A 385 7.87 -9.09 -1.49
N ILE A 386 7.84 -7.83 -1.89
CA ILE A 386 6.61 -7.07 -1.78
C ILE A 386 5.56 -7.59 -2.78
N ALA A 387 6.03 -8.03 -3.96
CA ALA A 387 5.20 -8.72 -4.93
C ALA A 387 4.54 -9.96 -4.30
N GLY A 388 5.31 -10.79 -3.60
CA GLY A 388 4.79 -12.02 -3.00
C GLY A 388 3.74 -11.71 -1.97
N MSE A 389 4.05 -10.80 -1.06
CA MSE A 389 3.11 -10.34 -0.06
C MSE A 389 1.80 -9.84 -0.67
O MSE A 389 0.73 -10.21 -0.20
CB MSE A 389 3.71 -9.20 0.72
CG MSE A 389 4.78 -9.67 1.64
SE MSE A 389 5.71 -8.16 2.45
CE MSE A 389 4.42 -7.69 3.76
N LEU A 390 1.92 -9.02 -1.72
CA LEU A 390 0.76 -8.45 -2.37
C LEU A 390 -0.10 -9.52 -3.08
N LEU A 391 0.51 -10.50 -3.73
CA LEU A 391 -0.26 -11.62 -4.31
C LEU A 391 -0.96 -12.43 -3.20
N HIS A 392 -0.31 -12.62 -2.06
CA HIS A 392 -1.00 -13.28 -0.96
C HIS A 392 -2.21 -12.49 -0.46
N TYR A 393 -2.07 -11.17 -0.39
CA TYR A 393 -3.18 -10.32 0.04
C TYR A 393 -4.40 -10.53 -0.85
N MSE A 394 -4.17 -10.51 -2.16
CA MSE A 394 -5.25 -10.62 -3.15
C MSE A 394 -5.86 -12.05 -3.26
O MSE A 394 -6.92 -12.19 -3.84
CB MSE A 394 -4.74 -10.15 -4.52
CG MSE A 394 -4.40 -8.64 -4.63
SE MSE A 394 -5.83 -7.39 -4.19
CE MSE A 394 -6.96 -7.58 -5.75
N LYS A 395 -5.19 -13.09 -2.72
CA LYS A 395 -5.83 -14.40 -2.58
C LYS A 395 -7.08 -14.21 -1.75
N GLY A 396 -6.99 -13.38 -0.72
CA GLY A 396 -8.12 -13.11 0.15
C GLY A 396 -8.37 -14.24 1.13
N TYR A 397 -9.62 -14.34 1.57
CA TYR A 397 -10.01 -15.35 2.56
C TYR A 397 -10.41 -16.69 1.94
N THR A 398 -10.48 -17.73 2.77
CA THR A 398 -10.95 -19.05 2.38
C THR A 398 -12.15 -19.34 3.26
N PHE A 399 -13.33 -19.38 2.64
CA PHE A 399 -14.59 -19.58 3.35
C PHE A 399 -15.13 -21.00 3.35
N ASP A 400 -14.28 -21.98 3.04
CA ASP A 400 -14.67 -23.40 3.16
C ASP A 400 -14.64 -23.78 4.63
N GLU A 401 -14.86 -25.07 4.95
CA GLU A 401 -15.00 -25.51 6.34
C GLU A 401 -13.72 -25.37 7.14
N ASP A 402 -12.57 -25.50 6.48
CA ASP A 402 -11.29 -25.63 7.18
C ASP A 402 -10.31 -24.45 7.43
N GLY A 403 -10.60 -23.18 7.14
CA GLY A 403 -11.85 -22.66 6.69
C GLY A 403 -12.37 -21.73 7.77
N MSE A 404 -13.61 -21.98 8.20
CA MSE A 404 -14.25 -21.18 9.25
C MSE A 404 -13.80 -21.69 10.61
O MSE A 404 -14.00 -21.01 11.62
CB MSE A 404 -15.78 -21.27 9.14
CG MSE A 404 -16.38 -21.00 7.75
SE MSE A 404 -16.02 -19.19 7.08
CE MSE A 404 -17.09 -18.13 8.34
N ALA A 405 -13.22 -22.89 10.65
CA ALA A 405 -12.49 -23.40 11.82
C ALA A 405 -13.33 -23.51 13.11
N PHE A 406 -14.65 -23.63 12.96
CA PHE A 406 -15.51 -23.56 14.14
C PHE A 406 -15.21 -24.68 15.14
N ASP A 407 -14.92 -25.87 14.62
CA ASP A 407 -14.79 -27.05 15.48
C ASP A 407 -13.45 -27.06 16.17
N VAL A 408 -12.45 -26.43 15.55
CA VAL A 408 -11.14 -26.31 16.18
C VAL A 408 -11.25 -25.24 17.27
N ILE A 409 -11.95 -24.15 16.96
CA ILE A 409 -12.32 -23.18 18.01
C ILE A 409 -13.10 -23.86 19.15
N GLU A 410 -14.07 -24.71 18.82
CA GLU A 410 -14.83 -25.43 19.85
C GLU A 410 -13.90 -26.31 20.72
N LYS A 411 -13.09 -27.16 20.08
CA LYS A 411 -12.08 -27.97 20.78
C LYS A 411 -11.22 -27.18 21.77
N VAL A 412 -10.66 -26.07 21.29
CA VAL A 412 -9.64 -25.35 22.05
C VAL A 412 -10.30 -24.64 23.23
N GLY A 413 -11.22 -23.73 22.90
CA GLY A 413 -12.06 -23.11 23.91
C GLY A 413 -11.37 -21.95 24.62
N PRO A 414 -12.13 -21.23 25.47
CA PRO A 414 -11.59 -20.06 26.17
C PRO A 414 -10.33 -20.37 26.95
N GLY A 415 -9.32 -19.52 26.78
CA GLY A 415 -8.00 -19.70 27.41
C GLY A 415 -7.04 -20.69 26.76
N GLY A 416 -7.54 -21.48 25.80
CA GLY A 416 -6.71 -22.47 25.13
C GLY A 416 -5.76 -21.84 24.13
N HIS A 417 -5.13 -22.69 23.33
CA HIS A 417 -4.24 -22.26 22.25
C HIS A 417 -4.27 -23.30 21.16
N PHE A 418 -3.91 -22.85 19.97
CA PHE A 418 -4.14 -23.63 18.77
C PHE A 418 -2.89 -24.29 18.21
N LEU A 419 -1.72 -24.00 18.79
CA LEU A 419 -0.48 -24.32 18.09
C LEU A 419 -0.17 -25.81 18.07
N THR A 420 -0.83 -26.58 18.93
CA THR A 420 -0.62 -27.99 19.00
C THR A 420 -1.78 -28.84 18.43
N GLN A 421 -2.64 -28.21 17.62
CA GLN A 421 -3.76 -28.84 16.90
C GLN A 421 -3.44 -29.34 15.46
N LYS A 422 -4.08 -30.44 15.06
CA LYS A 422 -3.98 -31.02 13.70
C LYS A 422 -4.29 -30.01 12.61
N HIS A 423 -5.30 -29.20 12.89
CA HIS A 423 -5.76 -28.17 11.95
C HIS A 423 -4.70 -27.06 11.77
N THR A 424 -3.86 -26.85 12.78
CA THR A 424 -2.74 -25.93 12.68
C THR A 424 -1.68 -26.56 11.78
N ARG A 425 -1.26 -27.77 12.12
CA ARG A 425 -0.39 -28.56 11.23
C ARG A 425 -0.89 -28.60 9.78
N LYS A 426 -2.20 -28.78 9.60
CA LYS A 426 -2.81 -28.96 8.27
C LYS A 426 -2.80 -27.69 7.46
N ASN A 427 -3.21 -26.61 8.10
CA ASN A 427 -3.60 -25.39 7.39
C ASN A 427 -2.64 -24.18 7.50
N HIS A 428 -1.67 -24.24 8.42
CA HIS A 428 -0.66 -23.18 8.56
C HIS A 428 -0.08 -22.86 7.17
N LYS A 429 0.55 -23.85 6.57
CA LYS A 429 1.15 -23.69 5.24
C LYS A 429 0.13 -23.35 4.16
N ARG A 430 -1.12 -23.75 4.30
CA ARG A 430 -2.11 -23.53 3.24
C ARG A 430 -2.50 -22.08 3.11
N GLU A 431 -2.61 -21.41 4.25
CA GLU A 431 -3.18 -20.08 4.27
C GLU A 431 -2.21 -18.92 4.48
N PHE A 432 -1.03 -19.21 5.06
CA PHE A 432 -0.08 -18.18 5.48
C PHE A 432 1.10 -17.96 4.51
N TYR A 433 1.53 -16.71 4.34
CA TYR A 433 2.63 -16.33 3.45
C TYR A 433 3.94 -16.56 4.18
N THR A 434 4.92 -17.18 3.52
CA THR A 434 6.24 -17.30 4.14
C THR A 434 7.24 -16.30 3.49
N PRO A 435 7.73 -15.35 4.30
CA PRO A 435 8.60 -14.29 3.77
C PRO A 435 9.87 -14.81 3.18
N THR A 436 10.39 -14.11 2.18
CA THR A 436 11.65 -14.46 1.55
C THR A 436 12.73 -13.45 1.98
N LEU A 437 12.33 -12.34 2.60
CA LEU A 437 13.27 -11.25 2.95
C LEU A 437 13.03 -10.58 4.31
N SER A 438 11.77 -10.31 4.65
CA SER A 438 11.49 -9.65 5.90
C SER A 438 12.09 -10.47 7.02
N ASP A 439 12.63 -9.79 8.02
CA ASP A 439 13.17 -10.40 9.24
C ASP A 439 12.14 -10.25 10.34
N ARG A 440 11.72 -11.37 10.88
CA ARG A 440 10.62 -11.42 11.83
C ARG A 440 11.18 -11.84 13.19
N SER A 441 12.49 -11.79 13.37
CA SER A 441 13.09 -12.23 14.65
C SER A 441 12.94 -11.19 15.75
N ALA A 442 13.18 -11.65 16.97
CA ALA A 442 13.28 -10.77 18.14
C ALA A 442 14.61 -10.02 18.12
N TYR A 443 14.66 -8.90 18.85
CA TYR A 443 15.81 -8.02 18.85
C TYR A 443 17.08 -8.77 19.16
N ASP A 444 17.05 -9.66 20.13
CA ASP A 444 18.27 -10.33 20.59
C ASP A 444 18.93 -11.22 19.53
N THR A 445 18.13 -11.95 18.76
CA THR A 445 18.62 -12.67 17.58
C THR A 445 19.22 -11.70 16.55
N TRP A 446 18.46 -10.67 16.21
CA TRP A 446 18.80 -9.74 15.16
C TRP A 446 20.05 -8.90 15.49
N ALA A 447 20.16 -8.49 16.75
CA ALA A 447 21.28 -7.68 17.27
C ALA A 447 22.65 -8.37 17.12
N LYS A 448 22.66 -9.68 16.95
CA LYS A 448 23.93 -10.35 16.71
C LYS A 448 24.63 -9.75 15.49
N GLU A 449 23.92 -9.55 14.39
CA GLU A 449 24.56 -8.98 13.20
C GLU A 449 23.96 -7.70 12.74
N LYS A 450 22.77 -7.37 13.19
CA LYS A 450 22.18 -6.10 12.81
C LYS A 450 22.13 -5.95 11.28
N LEU A 451 21.75 -7.01 10.59
CA LEU A 451 21.58 -6.93 9.14
C LEU A 451 20.33 -6.15 8.81
N GLU A 452 20.45 -5.11 7.98
CA GLU A 452 19.28 -4.43 7.45
C GLU A 452 18.84 -5.12 6.19
N THR A 453 17.65 -4.78 5.71
CA THR A 453 17.01 -5.48 4.60
C THR A 453 17.95 -5.55 3.39
N LYS A 454 18.56 -4.40 3.11
CA LYS A 454 19.42 -4.20 1.93
C LYS A 454 20.60 -5.19 1.96
N GLN A 455 21.16 -5.43 3.15
CA GLN A 455 22.22 -6.42 3.32
C GLN A 455 21.78 -7.84 3.14
N ARG A 456 20.67 -8.20 3.78
CA ARG A 456 20.11 -9.54 3.51
C ARG A 456 19.78 -9.65 2.00
N ALA A 457 19.26 -8.60 1.35
CA ALA A 457 19.00 -8.71 -0.09
C ALA A 457 20.27 -9.01 -0.91
N HIS A 458 21.40 -8.48 -0.48
CA HIS A 458 22.64 -8.55 -1.16
C HIS A 458 23.16 -9.97 -1.19
N ALA A 459 23.06 -10.70 -0.07
CA ALA A 459 23.45 -12.08 -0.04
C ALA A 459 22.53 -12.91 -0.91
N ARG A 460 21.23 -12.66 -0.85
CA ARG A 460 20.21 -13.42 -1.65
C ARG A 460 20.37 -13.38 -3.16
N TRP A 461 20.56 -12.22 -3.77
CA TRP A 461 20.67 -12.21 -5.25
C TRP A 461 21.91 -12.96 -5.72
N GLN A 462 23.00 -12.92 -4.95
CA GLN A 462 24.20 -13.66 -5.29
C GLN A 462 24.02 -15.17 -5.22
N GLN A 463 23.33 -15.65 -4.19
CA GLN A 463 22.92 -17.03 -4.06
C GLN A 463 22.08 -17.50 -5.24
N ILE A 464 21.06 -16.73 -5.57
CA ILE A 464 20.13 -17.11 -6.62
C ILE A 464 20.88 -17.25 -7.96
N LEU A 465 21.65 -16.23 -8.30
CA LEU A 465 22.38 -16.16 -9.58
C LEU A 465 23.42 -17.28 -9.69
N ALA A 466 24.23 -17.46 -8.64
CA ALA A 466 25.20 -18.53 -8.56
C ALA A 466 24.66 -19.94 -8.79
N ASN A 467 23.44 -20.20 -8.36
CA ASN A 467 22.84 -21.53 -8.36
C ASN A 467 21.81 -21.70 -9.49
N TYR A 468 21.56 -20.65 -10.23
CA TYR A 468 20.60 -20.74 -11.32
C TYR A 468 21.12 -21.48 -12.52
N VAL A 469 20.27 -22.35 -13.08
CA VAL A 469 20.58 -23.11 -14.28
C VAL A 469 19.50 -22.76 -15.29
N PRO A 470 19.85 -22.08 -16.40
CA PRO A 470 18.90 -21.79 -17.48
C PRO A 470 18.18 -23.01 -18.07
N PRO A 471 16.86 -22.92 -18.36
CA PRO A 471 16.18 -24.06 -19.02
C PRO A 471 16.77 -24.41 -20.38
N ALA A 472 16.97 -25.69 -20.60
CA ALA A 472 17.52 -26.15 -21.88
C ALA A 472 16.66 -25.56 -23.00
N LEU A 473 17.36 -25.06 -24.03
CA LEU A 473 16.82 -24.56 -25.28
C LEU A 473 17.14 -25.59 -26.35
N ASP A 474 16.14 -25.87 -27.17
CA ASP A 474 16.30 -26.74 -28.33
C ASP A 474 17.51 -26.34 -29.21
N PRO A 475 18.45 -27.30 -29.43
CA PRO A 475 19.71 -27.07 -30.16
C PRO A 475 19.50 -26.61 -31.58
N GLU A 476 18.46 -27.12 -32.20
CA GLU A 476 18.13 -26.79 -33.54
C GLU A 476 17.63 -25.36 -33.66
N ILE A 477 16.70 -25.00 -32.78
CA ILE A 477 16.16 -23.65 -32.74
C ILE A 477 17.25 -22.69 -32.34
N ASP A 478 18.06 -23.06 -31.34
CA ASP A 478 19.21 -22.27 -30.89
C ASP A 478 20.14 -21.97 -32.08
N ALA A 479 20.50 -23.00 -32.84
CA ALA A 479 21.36 -22.83 -34.02
C ALA A 479 20.76 -21.85 -35.04
N LYS A 480 19.46 -21.97 -35.34
CA LYS A 480 18.77 -21.01 -36.23
C LYS A 480 18.78 -19.57 -35.71
N LEU A 481 18.59 -19.42 -34.42
CA LEU A 481 18.58 -18.09 -33.80
C LEU A 481 19.94 -17.41 -34.01
N GLN A 482 21.03 -18.17 -33.75
CA GLN A 482 22.42 -17.70 -33.95
C GLN A 482 22.80 -17.39 -35.38
N ALA A 483 22.27 -18.16 -36.32
CA ALA A 483 22.55 -17.92 -37.74
C ALA A 483 21.79 -16.63 -38.16
N PHE A 484 20.55 -16.48 -37.70
CA PHE A 484 19.83 -15.22 -37.97
C PHE A 484 20.61 -14.00 -37.48
N ILE A 485 21.08 -14.08 -36.24
CA ILE A 485 21.75 -12.96 -35.56
C ILE A 485 23.15 -12.68 -36.14
N ALA A 486 23.84 -13.75 -36.51
CA ALA A 486 25.11 -13.63 -37.20
C ALA A 486 24.94 -12.88 -38.52
N GLN A 487 23.95 -13.27 -39.32
CA GLN A 487 23.74 -12.61 -40.60
C GLN A 487 23.31 -11.16 -40.44
N ARG A 488 22.38 -10.87 -39.53
CA ARG A 488 21.90 -9.49 -39.31
C ARG A 488 23.00 -8.56 -38.83
N GLY A 489 23.74 -8.98 -37.81
CA GLY A 489 24.90 -8.21 -37.36
C GLY A 489 25.87 -7.87 -38.49
N LYS A 490 26.01 -8.76 -39.48
CA LYS A 490 26.87 -8.48 -40.63
C LYS A 490 26.25 -7.39 -41.51
N GLU A 491 24.94 -7.52 -41.78
CA GLU A 491 24.16 -6.49 -42.47
C GLU A 491 24.26 -5.13 -41.79
N VAL A 492 23.97 -5.10 -40.51
CA VAL A 492 24.04 -3.87 -39.72
C VAL A 492 25.47 -3.27 -39.68
N GLY A 493 26.50 -4.10 -39.85
CA GLY A 493 27.89 -3.59 -39.91
C GLY A 493 28.41 -3.20 -41.31
N GLU A 494 27.55 -3.23 -42.34
CA GLU A 494 27.96 -3.02 -43.75
C GLU A 494 27.19 -1.87 -44.39
N GLY B 19 -13.93 14.87 -4.13
CA GLY B 19 -13.14 15.47 -3.03
C GLY B 19 -12.51 14.48 -2.04
N LEU B 20 -12.94 13.22 -2.09
CA LEU B 20 -12.50 12.18 -1.14
C LEU B 20 -12.79 10.80 -1.75
N LEU B 21 -11.79 9.94 -1.81
CA LEU B 21 -11.91 8.65 -2.44
C LEU B 21 -12.89 7.70 -1.69
N PRO B 22 -13.60 6.85 -2.43
CA PRO B 22 -14.47 5.91 -1.75
C PRO B 22 -13.69 4.81 -1.06
N LYS B 23 -14.32 4.11 -0.13
CA LYS B 23 -13.64 3.09 0.67
C LYS B 23 -13.59 1.78 -0.07
N TYR B 24 -12.53 1.00 0.16
CA TYR B 24 -12.40 -0.34 -0.40
C TYR B 24 -13.00 -1.40 0.55
N ASN B 25 -13.97 -2.16 0.05
CA ASN B 25 -14.55 -3.29 0.77
C ASN B 25 -14.07 -4.59 0.11
N ILE B 26 -13.25 -5.35 0.82
CA ILE B 26 -12.65 -6.54 0.23
C ILE B 26 -13.59 -7.77 0.26
N LEU B 27 -14.66 -7.74 1.06
CA LEU B 27 -15.53 -8.89 1.20
C LEU B 27 -16.81 -8.73 0.39
N THR B 28 -17.32 -9.84 -0.16
CA THR B 28 -18.66 -9.84 -0.75
C THR B 28 -19.65 -9.85 0.40
N GLU B 29 -20.90 -9.53 0.09
CA GLU B 29 -21.95 -9.50 1.09
C GLU B 29 -22.34 -10.90 1.60
N ASP B 30 -22.17 -11.94 0.77
CA ASP B 30 -22.40 -13.32 1.23
C ASP B 30 -21.31 -13.76 2.22
N GLN B 31 -20.08 -13.30 1.98
CA GLN B 31 -18.96 -13.65 2.84
C GLN B 31 -19.07 -12.97 4.20
N VAL B 32 -19.48 -11.71 4.23
CA VAL B 32 -19.74 -11.02 5.51
C VAL B 32 -20.82 -11.76 6.32
N GLN B 33 -21.75 -12.37 5.59
CA GLN B 33 -22.82 -13.15 6.19
C GLN B 33 -22.27 -14.42 6.83
N LYS B 34 -21.39 -15.12 6.10
CA LYS B 34 -20.69 -16.30 6.62
C LYS B 34 -19.97 -15.97 7.94
N ILE B 35 -19.18 -14.90 7.94
CA ILE B 35 -18.39 -14.52 9.12
C ILE B 35 -19.27 -14.28 10.34
N HIS B 36 -20.35 -13.54 10.12
CA HIS B 36 -21.29 -13.18 11.17
C HIS B 36 -22.07 -14.39 11.70
N GLU B 37 -22.49 -15.25 10.79
CA GLU B 37 -23.19 -16.48 11.16
C GLU B 37 -22.25 -17.37 11.97
N ASN B 38 -20.95 -17.32 11.64
CA ASN B 38 -19.95 -18.09 12.41
C ASN B 38 -19.68 -17.46 13.77
N THR B 39 -19.66 -16.13 13.80
CA THR B 39 -19.46 -15.37 15.02
C THR B 39 -20.57 -15.61 16.02
N MSE B 40 -21.81 -15.54 15.53
CA MSE B 40 -22.97 -15.73 16.40
C MSE B 40 -22.98 -17.13 17.02
O MSE B 40 -23.26 -17.29 18.20
CB MSE B 40 -24.26 -15.50 15.62
CG MSE B 40 -24.46 -14.04 15.22
SE MSE B 40 -24.33 -12.81 16.74
CE MSE B 40 -22.46 -12.34 16.58
N LYS B 41 -22.67 -18.12 16.19
CA LYS B 41 -22.56 -19.49 16.62
C LYS B 41 -21.51 -19.67 17.75
N ILE B 42 -20.34 -19.04 17.60
CA ILE B 42 -19.28 -19.05 18.62
C ILE B 42 -19.78 -18.50 19.95
N LEU B 43 -20.42 -17.33 19.90
CA LEU B 43 -20.87 -16.64 21.12
C LEU B 43 -21.97 -17.40 21.83
N GLU B 44 -22.85 -18.01 21.04
CA GLU B 44 -23.95 -18.83 21.54
C GLU B 44 -23.47 -20.16 22.09
N GLU B 45 -22.68 -20.90 21.30
CA GLU B 45 -22.30 -22.28 21.66
C GLU B 45 -21.10 -22.33 22.60
N ILE B 46 -20.04 -21.62 22.27
CA ILE B 46 -18.76 -21.76 22.99
C ILE B 46 -18.68 -20.80 24.19
N GLY B 47 -19.20 -19.59 24.02
CA GLY B 47 -19.19 -18.59 25.10
C GLY B 47 -17.85 -17.88 25.33
N ILE B 48 -17.91 -16.86 26.19
CA ILE B 48 -16.75 -16.04 26.54
C ILE B 48 -16.65 -15.93 28.06
N GLU B 49 -15.44 -16.04 28.59
CA GLU B 49 -15.22 -15.90 30.03
C GLU B 49 -14.88 -14.46 30.38
N PHE B 50 -15.65 -13.89 31.30
CA PHE B 50 -15.38 -12.57 31.82
C PHE B 50 -14.88 -12.74 33.26
N GLU B 51 -13.65 -12.33 33.52
CA GLU B 51 -13.04 -12.49 34.84
C GLU B 51 -13.35 -11.30 35.75
N TYR B 52 -14.64 -11.03 35.92
CA TYR B 52 -15.07 -9.89 36.70
C TYR B 52 -16.51 -10.11 37.12
N GLU B 53 -16.77 -10.02 38.42
CA GLU B 53 -18.12 -10.23 38.94
C GLU B 53 -19.07 -9.15 38.39
N PRO B 54 -18.79 -7.86 38.65
CA PRO B 54 -19.66 -6.82 38.09
C PRO B 54 -20.07 -7.01 36.63
N ALA B 55 -19.14 -7.52 35.80
CA ALA B 55 -19.42 -7.80 34.39
C ALA B 55 -20.46 -8.92 34.23
N LEU B 56 -20.25 -10.03 34.95
CA LEU B 56 -21.19 -11.15 34.93
C LEU B 56 -22.58 -10.73 35.43
N GLU B 57 -22.62 -9.93 36.50
CA GLU B 57 -23.87 -9.38 37.03
C GLU B 57 -24.64 -8.65 35.93
N VAL B 58 -23.98 -7.73 35.22
CA VAL B 58 -24.58 -7.07 34.07
C VAL B 58 -25.23 -8.08 33.09
N PHE B 59 -24.46 -9.11 32.68
CA PHE B 59 -25.01 -10.17 31.81
C PHE B 59 -26.22 -10.87 32.42
N ARG B 60 -26.10 -11.28 33.68
CA ARG B 60 -27.18 -11.95 34.36
C ARG B 60 -28.41 -11.03 34.40
N ARG B 61 -28.22 -9.77 34.82
CA ARG B 61 -29.32 -8.79 34.87
C ARG B 61 -29.89 -8.43 33.49
N GLU B 62 -29.15 -8.75 32.44
CA GLU B 62 -29.67 -8.65 31.07
C GLU B 62 -30.22 -9.99 30.52
N GLY B 63 -30.51 -10.93 31.42
CA GLY B 63 -31.08 -12.22 31.06
C GLY B 63 -30.22 -13.17 30.21
N GLN B 64 -28.91 -12.94 30.17
CA GLN B 64 -28.01 -13.86 29.45
C GLN B 64 -27.53 -15.03 30.30
N LYS B 65 -27.16 -16.11 29.63
CA LYS B 65 -26.70 -17.34 30.28
C LYS B 65 -25.27 -17.11 30.79
N VAL B 66 -24.98 -17.63 31.98
CA VAL B 66 -23.72 -17.36 32.66
C VAL B 66 -23.36 -18.53 33.59
N GLU B 67 -22.30 -19.27 33.26
CA GLU B 67 -21.86 -20.44 34.06
C GLU B 67 -20.50 -20.12 34.70
N GLY B 68 -20.52 -19.86 36.00
CA GLY B 68 -19.36 -19.29 36.69
C GLY B 68 -18.93 -18.03 35.95
N LYS B 69 -17.71 -18.03 35.44
CA LYS B 69 -17.18 -16.87 34.74
C LYS B 69 -17.57 -16.82 33.26
N ARG B 70 -18.08 -17.93 32.74
N ARG B 70 -18.08 -17.93 32.73
CA ARG B 70 -18.43 -18.06 31.31
CA ARG B 70 -18.40 -18.04 31.30
C ARG B 70 -19.77 -17.40 31.04
C ARG B 70 -19.78 -17.45 31.02
N VAL B 71 -19.95 -16.91 29.81
CA VAL B 71 -21.15 -16.20 29.39
C VAL B 71 -21.47 -16.59 27.95
N TYR B 72 -22.72 -16.86 27.64
CA TYR B 72 -23.14 -17.20 26.29
C TYR B 72 -24.17 -16.17 25.84
N LEU B 73 -23.79 -15.31 24.90
CA LEU B 73 -24.71 -14.30 24.41
C LEU B 73 -25.46 -14.88 23.22
N THR B 74 -26.78 -14.64 23.15
CA THR B 74 -27.50 -14.91 21.90
C THR B 74 -27.13 -13.81 20.83
N ARG B 75 -27.58 -14.09 19.58
CA ARG B 75 -27.47 -13.13 18.48
C ARG B 75 -28.40 -11.94 18.60
N GLU B 76 -29.57 -12.16 19.20
CA GLU B 76 -30.58 -11.13 19.35
C GLU B 76 -30.12 -10.10 20.38
N PHE B 77 -29.58 -10.58 21.50
CA PHE B 77 -29.01 -9.72 22.55
C PHE B 77 -27.84 -8.86 22.07
N VAL B 78 -26.99 -9.46 21.22
CA VAL B 78 -25.86 -8.72 20.66
C VAL B 78 -26.36 -7.78 19.56
N GLU B 79 -27.10 -8.30 18.59
CA GLU B 79 -27.67 -7.47 17.50
C GLU B 79 -28.57 -6.35 18.05
N SER B 80 -29.12 -6.58 19.24
CA SER B 80 -29.89 -5.56 19.93
C SER B 80 -28.99 -4.52 20.60
N LYS B 81 -27.90 -4.97 21.23
CA LYS B 81 -26.99 -4.08 21.96
C LYS B 81 -26.21 -3.19 20.98
N LEU B 82 -25.77 -3.78 19.86
CA LEU B 82 -25.14 -3.04 18.75
C LEU B 82 -26.01 -1.93 18.19
N LYS B 83 -27.31 -2.22 18.01
CA LYS B 83 -28.27 -1.26 17.46
C LYS B 83 -28.39 0.07 18.23
N SER B 84 -27.91 0.13 19.47
CA SER B 84 -27.86 1.39 20.24
C SER B 84 -26.47 2.04 20.23
N ALA B 85 -25.50 1.40 19.57
CA ALA B 85 -24.11 1.88 19.55
C ALA B 85 -23.86 2.89 18.42
N PRO B 86 -23.43 4.11 18.80
CA PRO B 86 -23.45 5.22 17.86
C PRO B 86 -22.42 5.06 16.74
N ALA B 87 -22.85 5.35 15.50
CA ALA B 87 -21.96 5.27 14.34
C ALA B 87 -20.87 6.35 14.33
N GLU B 88 -21.11 7.46 15.01
CA GLU B 88 -20.18 8.58 15.00
C GLU B 88 -20.24 9.35 16.30
N PHE B 89 -19.08 9.77 16.80
CA PHE B 89 -19.05 10.65 17.97
C PHE B 89 -17.83 11.57 17.93
N THR B 90 -18.02 12.84 18.28
CA THR B 90 -16.87 13.71 18.44
C THR B 90 -16.18 13.38 19.77
N LEU B 91 -14.86 13.46 19.76
CA LEU B 91 -14.09 13.50 21.00
C LEU B 91 -13.61 14.93 21.12
N HIS B 92 -13.51 15.40 22.34
CA HIS B 92 -13.33 16.82 22.51
C HIS B 92 -11.92 17.12 22.97
N ALA B 93 -11.35 18.13 22.30
CA ALA B 93 -10.01 18.58 22.57
C ALA B 93 -10.09 19.78 23.48
N ARG B 94 -8.97 20.07 24.11
CA ARG B 94 -8.84 21.22 25.00
C ARG B 94 -9.02 22.44 24.14
N ASN B 95 -8.22 22.55 23.08
CA ASN B 95 -8.47 23.52 22.02
C ASN B 95 -9.53 22.93 21.09
N PRO B 96 -10.76 23.47 21.09
CA PRO B 96 -11.79 22.93 20.20
C PRO B 96 -11.43 22.95 18.70
N GLU B 97 -10.37 23.67 18.30
CA GLU B 97 -9.89 23.56 16.92
C GLU B 97 -9.46 22.13 16.60
N ASN B 98 -9.08 21.37 17.63
CA ASN B 98 -8.68 19.96 17.48
C ASN B 98 -9.74 18.96 17.93
N ASN B 99 -11.01 19.33 17.94
CA ASN B 99 -12.05 18.32 18.14
C ASN B 99 -11.99 17.35 16.98
N VAL B 100 -12.36 16.10 17.23
CA VAL B 100 -12.14 15.02 16.28
C VAL B 100 -13.42 14.18 16.14
N VAL B 101 -13.93 14.02 14.91
CA VAL B 101 -15.10 13.16 14.68
C VAL B 101 -14.66 11.72 14.40
N ILE B 102 -15.12 10.77 15.21
CA ILE B 102 -14.78 9.35 14.99
C ILE B 102 -15.87 8.61 14.20
N GLY B 103 -15.68 8.56 12.88
CA GLY B 103 -16.11 7.40 12.12
C GLY B 103 -17.40 7.26 11.34
N GLY B 104 -17.67 8.08 10.35
CA GLY B 104 -16.70 8.80 9.62
C GLY B 104 -16.46 8.05 8.30
N ASP B 105 -16.43 8.80 7.22
CA ASP B 105 -15.44 8.55 6.22
C ASP B 105 -14.16 9.14 6.81
N ASN B 106 -14.29 9.82 7.96
CA ASN B 106 -13.15 10.37 8.70
C ASN B 106 -12.16 9.31 9.13
N ILE B 107 -10.93 9.75 9.35
CA ILE B 107 -9.87 8.90 9.88
C ILE B 107 -9.06 9.79 10.80
N VAL B 108 -8.59 9.22 11.92
CA VAL B 108 -7.66 9.92 12.81
C VAL B 108 -6.38 9.10 13.04
N PHE B 109 -5.25 9.79 13.15
CA PHE B 109 -3.98 9.17 13.37
C PHE B 109 -3.42 9.60 14.72
N MSE B 110 -2.61 8.74 15.31
CA MSE B 110 -1.94 9.05 16.55
C MSE B 110 -0.79 8.06 16.73
O MSE B 110 -0.73 7.04 16.04
CB MSE B 110 -2.94 8.93 17.69
CG MSE B 110 -3.24 7.49 18.04
SE MSE B 110 -5.04 7.18 18.68
CE MSE B 110 -6.05 7.43 17.02
N PRO B 111 0.16 8.37 17.64
CA PRO B 111 1.34 7.49 17.83
C PRO B 111 1.04 6.03 18.24
N GLY B 112 2.11 5.22 18.24
CA GLY B 112 2.08 3.90 18.87
C GLY B 112 1.79 3.96 20.37
N TYR B 113 1.51 2.80 20.95
CA TYR B 113 0.97 2.69 22.30
C TYR B 113 1.60 1.47 22.96
N GLY B 114 2.07 1.64 24.21
CA GLY B 114 2.49 0.53 25.09
C GLY B 114 3.96 0.12 25.07
N ALA B 115 4.74 0.63 24.11
CA ALA B 115 6.11 0.18 23.89
C ALA B 115 6.98 0.47 25.10
N PRO B 116 7.72 -0.54 25.58
CA PRO B 116 8.67 -0.39 26.66
C PRO B 116 10.09 -0.11 26.23
N PHE B 117 10.35 -0.11 24.92
CA PHE B 117 11.70 0.11 24.43
C PHE B 117 11.76 1.22 23.43
N ILE B 118 12.87 1.95 23.45
CA ILE B 118 13.22 2.79 22.33
C ILE B 118 14.30 2.07 21.55
N TYR B 119 14.12 1.87 20.25
CA TYR B 119 15.25 1.50 19.38
C TYR B 119 15.81 2.73 18.69
N GLU B 120 17.08 2.98 18.90
CA GLU B 120 17.71 4.18 18.45
C GLU B 120 18.32 3.94 17.08
N LEU B 121 18.77 5.03 16.46
CA LEU B 121 19.31 4.98 15.11
C LEU B 121 20.50 4.06 15.03
N ASP B 122 21.25 3.94 16.14
CA ASP B 122 22.43 3.05 16.22
C ASP B 122 22.11 1.55 16.37
N GLY B 123 20.83 1.21 16.39
CA GLY B 123 20.40 -0.16 16.58
C GLY B 123 20.47 -0.64 18.00
N SER B 124 20.82 0.25 18.93
CA SER B 124 20.75 -0.06 20.36
C SER B 124 19.34 0.05 20.91
N ARG B 125 19.14 -0.48 22.11
N ARG B 125 19.07 -0.58 22.05
CA ARG B 125 17.85 -0.60 22.75
CA ARG B 125 17.76 -0.45 22.69
C ARG B 125 17.93 -0.02 24.16
C ARG B 125 17.83 -0.18 24.17
N ARG B 126 16.85 0.58 24.65
CA ARG B 126 16.77 1.01 26.04
C ARG B 126 15.36 1.13 26.55
N LYS B 127 15.21 1.04 27.87
CA LYS B 127 13.92 1.27 28.50
C LYS B 127 13.41 2.65 28.14
N THR B 128 12.09 2.76 28.05
CA THR B 128 11.44 4.02 27.83
C THR B 128 11.40 4.81 29.15
N THR B 129 11.16 6.12 29.04
CA THR B 129 11.11 7.04 30.16
C THR B 129 9.94 8.03 30.01
N LEU B 130 9.61 8.76 31.08
CA LEU B 130 8.64 9.84 30.99
C LEU B 130 9.08 10.86 29.94
N GLN B 131 10.37 11.18 29.87
CA GLN B 131 10.88 12.12 28.88
C GLN B 131 10.61 11.64 27.43
N ASP B 132 10.59 10.33 27.21
CA ASP B 132 10.13 9.78 25.94
C ASP B 132 8.65 10.00 25.73
N TYR B 133 7.83 9.66 26.72
CA TYR B 133 6.39 9.95 26.67
C TYR B 133 6.22 11.41 26.24
N GLU B 134 6.97 12.28 26.94
CA GLU B 134 6.88 13.72 26.71
C GLU B 134 7.32 14.11 25.28
N ASN B 135 8.43 13.54 24.81
CA ASN B 135 8.95 13.86 23.47
C ASN B 135 7.95 13.46 22.40
N PHE B 136 7.39 12.28 22.55
CA PHE B 136 6.40 11.77 21.63
C PHE B 136 5.15 12.61 21.68
N ALA B 137 4.78 13.12 22.86
CA ALA B 137 3.66 14.04 23.02
C ALA B 137 3.91 15.33 22.21
N LYS B 138 5.08 15.90 22.39
CA LYS B 138 5.47 17.08 21.61
C LYS B 138 5.42 16.77 20.10
N LEU B 139 6.07 15.69 19.65
CA LEU B 139 6.05 15.36 18.20
C LEU B 139 4.64 15.21 17.63
N ALA B 140 3.76 14.55 18.37
CA ALA B 140 2.39 14.37 17.94
C ALA B 140 1.70 15.72 17.97
N GLY B 141 1.95 16.49 19.03
CA GLY B 141 1.57 17.91 19.08
C GLY B 141 2.00 18.73 17.87
N ALA B 142 3.27 18.60 17.46
CA ALA B 142 3.88 19.40 16.38
C ALA B 142 3.37 19.11 14.98
N SER B 143 2.67 17.98 14.82
CA SER B 143 2.49 17.36 13.53
C SER B 143 1.10 17.55 12.93
N LYS B 144 1.08 18.12 11.71
CA LYS B 144 -0.14 18.32 10.93
C LYS B 144 -0.96 17.04 10.73
N ASN B 145 -0.32 15.86 10.75
CA ASN B 145 -1.00 14.59 10.46
C ASN B 145 -1.45 13.76 11.68
N MSE B 146 -0.97 14.14 12.87
CA MSE B 146 -1.34 13.42 14.10
C MSE B 146 -2.50 14.17 14.69
O MSE B 146 -2.35 15.32 15.13
CB MSE B 146 -0.17 13.33 15.08
CG MSE B 146 1.02 12.53 14.59
SE MSE B 146 0.59 10.65 14.35
CE MSE B 146 0.56 10.53 12.41
N HIS B 147 -3.66 13.53 14.72
CA HIS B 147 -4.89 14.18 15.12
C HIS B 147 -5.04 14.12 16.63
N LEU B 148 -4.57 13.03 17.22
CA LEU B 148 -4.48 12.90 18.67
C LEU B 148 -3.01 12.72 19.08
N SER B 149 -2.64 13.31 20.21
CA SER B 149 -1.30 13.07 20.81
C SER B 149 -1.10 11.62 21.29
N GLY B 150 -2.19 10.88 21.46
CA GLY B 150 -2.14 9.45 21.75
C GLY B 150 -2.21 9.12 23.21
N GLY B 151 -1.69 7.92 23.54
CA GLY B 151 -1.56 7.42 24.91
C GLY B 151 -0.54 6.31 25.12
N THR B 152 0.05 6.26 26.32
CA THR B 152 1.09 5.27 26.66
C THR B 152 2.14 5.16 25.56
N MSE B 153 2.58 6.30 25.03
CA MSE B 153 3.39 6.31 23.82
C MSE B 153 4.73 5.67 24.09
O MSE B 153 5.28 4.93 23.24
CB MSE B 153 3.56 7.76 23.31
CG MSE B 153 2.26 8.36 22.83
SE MSE B 153 1.27 9.44 24.16
CE MSE B 153 2.28 11.10 23.91
N ALA B 154 5.24 5.95 25.29
CA ALA B 154 6.47 5.37 25.78
C ALA B 154 6.28 5.09 27.28
N GLU B 155 6.30 3.81 27.66
CA GLU B 155 6.08 3.38 29.06
C GLU B 155 7.08 4.06 30.01
N PRO B 156 6.59 4.94 30.90
CA PRO B 156 7.46 5.74 31.79
C PRO B 156 7.99 4.93 32.95
N GLN B 157 8.97 4.10 32.65
CA GLN B 157 9.59 3.21 33.61
C GLN B 157 10.50 4.03 34.55
N ASP B 158 10.85 5.21 34.06
CA ASP B 158 11.34 6.33 34.84
C ASP B 158 10.67 6.46 36.25
N ILE B 159 9.35 6.27 36.29
CA ILE B 159 8.48 6.65 37.38
C ILE B 159 8.01 5.39 38.13
N PRO B 160 7.66 5.54 39.45
CA PRO B 160 6.95 4.49 40.21
C PRO B 160 5.61 4.11 39.60
N ASP B 161 5.28 2.82 39.61
CA ASP B 161 4.14 2.27 38.85
C ASP B 161 2.78 2.99 39.07
N GLY B 162 2.34 3.01 40.31
CA GLY B 162 1.00 3.50 40.64
C GLY B 162 0.70 4.97 40.40
N VAL B 163 1.72 5.75 40.04
CA VAL B 163 1.53 7.14 39.58
C VAL B 163 1.98 7.34 38.12
N ARG B 164 2.22 6.26 37.38
CA ARG B 164 2.60 6.40 35.97
C ARG B 164 1.48 7.04 35.18
N HIS B 165 0.25 6.54 35.35
CA HIS B 165 -0.91 7.14 34.69
C HIS B 165 -1.01 8.63 35.01
N LEU B 166 -0.83 9.01 36.28
CA LEU B 166 -0.95 10.41 36.70
C LEU B 166 0.01 11.35 35.93
N GLN B 167 1.28 10.96 35.87
CA GLN B 167 2.30 11.76 35.16
C GLN B 167 2.08 11.72 33.64
N MSE B 168 1.47 10.63 33.18
CA MSE B 168 1.22 10.45 31.75
C MSE B 168 0.09 11.35 31.27
O MSE B 168 0.28 12.09 30.30
CB MSE B 168 0.94 8.98 31.42
CG MSE B 168 2.20 8.16 31.21
SE MSE B 168 1.82 6.40 30.43
CE MSE B 168 0.69 5.71 31.88
N LEU B 169 -1.09 11.32 31.90
CA LEU B 169 -2.16 12.20 31.43
C LEU B 169 -1.79 13.68 31.61
N TYR B 170 -0.93 13.99 32.58
CA TYR B 170 -0.44 15.36 32.76
C TYR B 170 0.57 15.78 31.70
N SER B 171 1.44 14.86 31.29
CA SER B 171 2.31 15.12 30.14
C SER B 171 1.48 15.42 28.89
N SER B 172 0.43 14.63 28.68
CA SER B 172 -0.43 14.75 27.49
C SER B 172 -1.14 16.10 27.48
N ILE B 173 -1.61 16.52 28.65
CA ILE B 173 -2.26 17.83 28.82
C ILE B 173 -1.26 18.97 28.68
N LYS B 174 -0.16 18.94 29.45
CA LYS B 174 0.80 20.05 29.39
C LYS B 174 1.52 20.17 28.05
N ASN B 175 1.61 19.08 27.28
CA ASN B 175 2.34 19.12 26.00
C ASN B 175 1.48 19.14 24.75
N SER B 176 0.18 18.90 24.88
CA SER B 176 -0.71 18.97 23.72
C SER B 176 -2.05 19.61 24.04
N ASP B 177 -2.66 20.26 23.05
CA ASP B 177 -4.04 20.76 23.17
C ASP B 177 -4.95 19.92 22.27
N LYS B 178 -4.42 18.79 21.81
CA LYS B 178 -5.18 17.80 21.11
C LYS B 178 -5.70 16.80 22.11
N CYS B 179 -6.62 15.93 21.67
CA CYS B 179 -7.14 14.84 22.49
C CYS B 179 -6.04 13.83 22.86
N PHE B 180 -6.15 13.32 24.08
CA PHE B 180 -5.25 12.28 24.58
C PHE B 180 -6.08 11.07 25.04
N MSE B 181 -5.41 10.01 25.49
CA MSE B 181 -6.11 8.79 25.90
C MSE B 181 -6.08 8.61 27.43
O MSE B 181 -5.17 9.10 28.11
CB MSE B 181 -5.47 7.56 25.23
CG MSE B 181 -5.73 7.48 23.73
SE MSE B 181 -4.78 5.98 22.86
CE MSE B 181 -6.00 4.51 23.25
N GLY B 182 -7.10 7.90 27.93
CA GLY B 182 -7.17 7.53 29.33
C GLY B 182 -6.58 6.16 29.57
N SER B 183 -6.21 5.90 30.82
CA SER B 183 -5.60 4.64 31.23
C SER B 183 -6.63 3.51 31.26
N ALA B 184 -6.21 2.35 30.74
CA ALA B 184 -7.01 1.13 30.75
C ALA B 184 -6.54 0.16 31.86
N GLU B 185 -5.51 0.53 32.62
CA GLU B 185 -4.96 -0.38 33.63
C GLU B 185 -5.72 -0.28 34.97
N GLY B 186 -6.98 -0.72 34.96
CA GLY B 186 -7.72 -0.96 36.19
C GLY B 186 -8.89 -0.04 36.53
N LYS B 187 -9.70 -0.50 37.47
CA LYS B 187 -10.87 0.27 37.92
C LYS B 187 -10.48 1.68 38.38
N GLU B 188 -9.57 1.72 39.37
CA GLU B 188 -9.20 3.00 40.00
C GLU B 188 -8.46 3.90 39.01
N ARG B 189 -7.53 3.31 38.23
CA ARG B 189 -6.76 4.06 37.23
C ARG B 189 -7.72 4.72 36.20
N ALA B 190 -8.68 3.89 35.75
CA ALA B 190 -9.72 4.33 34.83
C ALA B 190 -10.44 5.54 35.37
N GLU B 191 -10.81 5.44 36.64
CA GLU B 191 -11.56 6.47 37.33
C GLU B 191 -10.74 7.74 37.59
N ASP B 192 -9.44 7.56 37.85
CA ASP B 192 -8.55 8.72 37.98
C ASP B 192 -8.55 9.53 36.67
N SER B 193 -8.45 8.81 35.55
CA SER B 193 -8.44 9.43 34.21
C SER B 193 -9.70 10.25 33.93
N VAL B 194 -10.86 9.66 34.26
CA VAL B 194 -12.16 10.32 34.12
C VAL B 194 -12.24 11.57 35.01
N GLU B 195 -11.66 11.50 36.20
CA GLU B 195 -11.59 12.65 37.11
C GLU B 195 -10.69 13.75 36.54
N ILE B 196 -9.63 13.34 35.84
CA ILE B 196 -8.70 14.28 35.26
C ILE B 196 -9.30 15.00 34.04
N ALA B 197 -9.97 14.26 33.15
CA ALA B 197 -10.76 14.89 32.06
C ALA B 197 -11.81 15.85 32.63
N ALA B 198 -12.37 15.46 33.78
CA ALA B 198 -13.38 16.25 34.48
C ALA B 198 -12.83 17.60 34.92
N ILE B 199 -11.67 17.59 35.59
CA ILE B 199 -11.02 18.85 36.00
C ILE B 199 -10.73 19.74 34.77
N LEU B 200 -10.37 19.10 33.66
CA LEU B 200 -9.92 19.77 32.42
C LEU B 200 -11.04 20.39 31.55
N PHE B 201 -12.26 19.77 31.65
CA PHE B 201 -13.46 20.28 30.97
C PHE B 201 -14.56 20.86 31.91
N GLY B 202 -14.29 20.93 33.21
CA GLY B 202 -15.22 21.51 34.18
C GLY B 202 -16.39 20.62 34.54
N GLY B 203 -16.08 19.41 35.02
CA GLY B 203 -17.10 18.50 35.56
C GLY B 203 -17.22 17.19 34.78
N LYS B 204 -17.76 16.18 35.47
CA LYS B 204 -18.03 14.88 34.84
C LYS B 204 -19.24 14.91 33.91
N ASP B 205 -20.22 15.77 34.22
CA ASP B 205 -21.43 15.88 33.38
C ASP B 205 -21.11 16.50 32.01
N VAL B 206 -20.29 17.55 31.98
CA VAL B 206 -19.84 18.12 30.70
C VAL B 206 -19.29 17.04 29.77
N ILE B 207 -18.37 16.24 30.28
CA ILE B 207 -17.69 15.22 29.47
C ILE B 207 -18.57 13.99 29.18
N LYS B 208 -19.62 13.80 29.96
CA LYS B 208 -20.61 12.74 29.72
C LYS B 208 -21.31 12.97 28.37
N GLU B 209 -21.65 14.23 28.08
CA GLU B 209 -22.38 14.59 26.85
C GLU B 209 -21.44 15.06 25.72
N LYS B 210 -20.27 15.55 26.10
CA LYS B 210 -19.21 15.89 25.15
C LYS B 210 -17.96 15.09 25.54
N PRO B 211 -17.91 13.79 25.14
CA PRO B 211 -16.75 12.88 25.35
C PRO B 211 -15.38 13.53 25.24
N VAL B 212 -14.45 13.10 26.08
CA VAL B 212 -13.07 13.60 26.06
C VAL B 212 -12.00 12.50 25.84
N LEU B 213 -12.11 11.40 26.58
CA LEU B 213 -11.12 10.35 26.58
C LEU B 213 -11.51 9.24 25.63
N VAL B 214 -10.49 8.63 25.02
CA VAL B 214 -10.57 7.26 24.47
C VAL B 214 -9.58 6.42 25.21
N SER B 215 -9.88 5.14 25.33
CA SER B 215 -8.98 4.23 26.01
C SER B 215 -9.04 2.87 25.36
N LEU B 216 -7.92 2.17 25.36
CA LEU B 216 -7.84 0.87 24.74
C LEU B 216 -8.20 -0.23 25.72
N ILE B 217 -9.35 -0.86 25.50
CA ILE B 217 -9.72 -2.07 26.24
C ILE B 217 -9.47 -3.26 25.33
N ASN B 218 -8.69 -4.22 25.81
CA ASN B 218 -8.42 -5.46 25.09
C ASN B 218 -9.11 -6.68 25.68
N SER B 219 -9.46 -7.62 24.81
CA SER B 219 -9.82 -8.99 25.22
C SER B 219 -8.57 -9.83 25.49
N LEU B 220 -8.77 -11.00 26.10
CA LEU B 220 -7.70 -11.96 26.35
C LEU B 220 -8.00 -13.15 25.45
N THR B 221 -7.50 -13.09 24.23
CA THR B 221 -7.73 -14.13 23.24
C THR B 221 -7.03 -15.42 23.69
N PRO B 222 -7.68 -16.58 23.52
CA PRO B 222 -9.01 -16.78 22.97
C PRO B 222 -10.16 -16.75 23.99
N LEU B 223 -11.13 -15.88 23.72
CA LEU B 223 -12.43 -15.92 24.34
C LEU B 223 -12.45 -15.61 25.83
N LYS B 224 -11.67 -14.63 26.25
CA LYS B 224 -11.71 -14.19 27.65
C LYS B 224 -11.59 -12.68 27.79
N TYR B 225 -11.95 -12.20 28.97
CA TYR B 225 -11.69 -10.81 29.35
C TYR B 225 -11.18 -10.80 30.80
N ASP B 226 -10.00 -10.22 31.02
CA ASP B 226 -9.42 -10.15 32.36
C ASP B 226 -10.07 -9.02 33.20
N GLU B 227 -9.88 -9.09 34.51
CA GLU B 227 -10.51 -8.16 35.46
C GLU B 227 -10.08 -6.72 35.27
N ARG B 228 -8.79 -6.52 34.99
CA ARG B 228 -8.18 -5.19 34.87
C ARG B 228 -8.80 -4.37 33.71
N MSE B 229 -8.91 -5.00 32.54
CA MSE B 229 -9.51 -4.36 31.37
C MSE B 229 -10.99 -4.07 31.58
O MSE B 229 -11.49 -2.98 31.25
CB MSE B 229 -9.37 -5.28 30.14
CG MSE B 229 -7.95 -5.43 29.65
SE MSE B 229 -7.27 -3.77 28.89
CE MSE B 229 -5.50 -4.41 28.43
N LEU B 230 -11.68 -5.05 32.12
CA LEU B 230 -13.12 -4.97 32.39
C LEU B 230 -13.44 -3.84 33.38
N GLY B 231 -12.59 -3.72 34.41
CA GLY B 231 -12.76 -2.72 35.47
C GLY B 231 -12.55 -1.32 34.94
N ALA B 232 -11.67 -1.21 33.95
CA ALA B 232 -11.52 0.01 33.16
C ALA B 232 -12.70 0.23 32.21
N LEU B 233 -13.07 -0.80 31.43
CA LEU B 233 -14.20 -0.73 30.49
C LEU B 233 -15.50 -0.23 31.13
N MSE B 234 -15.89 -0.83 32.26
CA MSE B 234 -17.14 -0.47 32.92
C MSE B 234 -17.05 0.91 33.56
O MSE B 234 -18.02 1.66 33.52
CB MSE B 234 -17.51 -1.52 33.97
CG MSE B 234 -17.82 -2.83 33.30
SE MSE B 234 -18.05 -4.32 34.51
CE MSE B 234 -19.38 -3.60 35.84
N ALA B 235 -15.89 1.23 34.13
CA ALA B 235 -15.60 2.59 34.58
C ALA B 235 -15.86 3.62 33.46
N TYR B 236 -15.50 3.26 32.24
CA TYR B 236 -15.61 4.19 31.14
C TYR B 236 -17.06 4.25 30.61
N ALA B 237 -17.72 3.09 30.52
CA ALA B 237 -19.09 3.04 30.02
C ALA B 237 -20.09 3.61 31.05
N GLU B 238 -19.73 3.60 32.33
CA GLU B 238 -20.54 4.26 33.35
C GLU B 238 -20.32 5.77 33.34
N ALA B 239 -19.09 6.21 33.04
CA ALA B 239 -18.88 7.62 32.66
C ALA B 239 -19.34 7.75 31.20
N GLY B 240 -19.03 8.87 30.56
CA GLY B 240 -19.53 9.09 29.20
C GLY B 240 -18.56 8.74 28.09
N GLN B 241 -17.48 8.04 28.43
CA GLN B 241 -16.25 8.08 27.62
C GLN B 241 -16.04 6.88 26.72
N ALA B 242 -15.26 7.14 25.66
CA ALA B 242 -15.06 6.21 24.53
C ALA B 242 -14.15 5.04 24.86
N VAL B 243 -14.54 3.86 24.39
CA VAL B 243 -13.74 2.66 24.56
C VAL B 243 -13.53 1.95 23.21
N ILE B 244 -12.25 1.71 22.88
CA ILE B 244 -11.87 0.82 21.79
C ILE B 244 -11.96 -0.59 22.37
N ILE B 245 -12.83 -1.43 21.82
CA ILE B 245 -12.85 -2.83 22.21
C ILE B 245 -12.06 -3.59 21.14
N ALA B 246 -10.76 -3.68 21.40
CA ALA B 246 -9.78 -4.35 20.54
C ALA B 246 -9.58 -5.81 20.94
N SER B 247 -9.44 -6.66 19.94
CA SER B 247 -9.05 -8.06 20.08
C SER B 247 -7.82 -8.24 19.17
N LEU B 248 -6.79 -8.93 19.71
CA LEU B 248 -5.55 -9.31 19.00
C LEU B 248 -5.47 -10.83 18.88
N VAL B 249 -6.02 -11.39 17.80
CA VAL B 249 -5.94 -12.82 17.60
C VAL B 249 -4.73 -13.06 16.72
N MSE B 250 -3.84 -13.94 17.20
CA MSE B 250 -2.65 -14.32 16.49
C MSE B 250 -2.90 -15.65 15.85
O MSE B 250 -2.78 -16.67 16.50
CB MSE B 250 -1.48 -14.46 17.43
CG MSE B 250 -0.85 -13.17 17.85
SE MSE B 250 0.51 -13.49 19.21
CE MSE B 250 1.68 -14.82 18.28
N ALA B 251 -3.24 -15.63 14.57
CA ALA B 251 -3.56 -16.84 13.84
C ALA B 251 -2.44 -17.87 13.97
N GLY B 252 -2.81 -19.07 14.39
CA GLY B 252 -1.85 -20.15 14.57
C GLY B 252 -1.53 -20.40 16.03
N SER B 253 -1.90 -19.47 16.89
CA SER B 253 -1.40 -19.45 18.26
C SER B 253 -2.56 -19.23 19.25
N THR B 254 -3.04 -17.99 19.34
CA THR B 254 -4.18 -17.65 20.18
C THR B 254 -5.49 -17.64 19.34
N GLY B 255 -5.35 -17.94 18.05
CA GLY B 255 -6.51 -18.21 17.20
C GLY B 255 -6.20 -19.25 16.16
N PRO B 256 -7.24 -19.75 15.47
CA PRO B 256 -7.05 -20.86 14.53
C PRO B 256 -6.17 -20.50 13.35
N ALA B 257 -5.53 -21.49 12.73
CA ALA B 257 -4.62 -21.29 11.61
C ALA B 257 -5.39 -21.08 10.30
N SER B 258 -6.29 -20.12 10.32
CA SER B 258 -7.08 -19.77 9.15
C SER B 258 -7.48 -18.34 9.32
N LEU B 259 -7.60 -17.64 8.20
CA LEU B 259 -7.95 -16.21 8.21
C LEU B 259 -9.40 -16.02 8.60
N ALA B 260 -10.30 -16.75 7.95
CA ALA B 260 -11.73 -16.68 8.30
C ALA B 260 -11.96 -17.08 9.76
N GLY B 261 -11.34 -18.17 10.19
CA GLY B 261 -11.34 -18.57 11.61
C GLY B 261 -10.94 -17.46 12.59
N THR B 262 -9.73 -16.91 12.47
CA THR B 262 -9.28 -15.89 13.43
C THR B 262 -10.09 -14.59 13.37
N LEU B 263 -10.55 -14.19 12.19
CA LEU B 263 -11.47 -13.07 12.06
C LEU B 263 -12.80 -13.34 12.81
N SER B 264 -13.38 -14.50 12.56
CA SER B 264 -14.60 -14.93 13.27
C SER B 264 -14.40 -14.88 14.80
N LEU B 265 -13.24 -15.35 15.26
CA LEU B 265 -12.88 -15.31 16.68
C LEU B 265 -12.76 -13.88 17.18
N GLN B 266 -12.04 -13.05 16.43
CA GLN B 266 -11.89 -11.64 16.77
C GLN B 266 -13.27 -10.98 16.85
N ASN B 267 -14.10 -11.24 15.84
CA ASN B 267 -15.44 -10.70 15.79
C ASN B 267 -16.25 -11.03 17.06
N ALA B 268 -16.18 -12.30 17.49
CA ALA B 268 -16.89 -12.78 18.69
C ALA B 268 -16.47 -12.00 19.95
N GLU B 269 -15.16 -11.76 20.08
CA GLU B 269 -14.60 -11.03 21.23
C GLU B 269 -14.98 -9.55 21.28
N VAL B 270 -14.79 -8.86 20.15
CA VAL B 270 -15.07 -7.42 20.08
C VAL B 270 -16.53 -7.11 20.40
N LEU B 271 -17.45 -7.82 19.75
CA LEU B 271 -18.88 -7.61 19.94
C LEU B 271 -19.37 -7.90 21.39
N ALA B 272 -18.81 -8.95 22.01
CA ALA B 272 -19.06 -9.26 23.41
C ALA B 272 -18.70 -8.09 24.34
N GLY B 273 -17.60 -7.40 24.03
CA GLY B 273 -17.18 -6.22 24.76
C GLY B 273 -18.10 -5.04 24.51
N ILE B 274 -18.54 -4.88 23.25
CA ILE B 274 -19.43 -3.78 22.84
C ILE B 274 -20.78 -3.90 23.53
N SER B 275 -21.36 -5.11 23.46
CA SER B 275 -22.63 -5.39 24.10
C SER B 275 -22.62 -5.11 25.61
N LEU B 276 -21.52 -5.41 26.30
CA LEU B 276 -21.39 -5.11 27.73
C LEU B 276 -21.47 -3.61 27.99
N ALA B 277 -20.67 -2.83 27.27
CA ALA B 277 -20.70 -1.38 27.36
C ALA B 277 -22.09 -0.82 27.08
N GLN B 278 -22.72 -1.32 26.02
CA GLN B 278 -24.03 -0.82 25.59
C GLN B 278 -25.17 -1.19 26.55
N SER B 279 -25.08 -2.38 27.12
CA SER B 279 -26.03 -2.80 28.12
C SER B 279 -25.80 -2.03 29.43
N ILE B 280 -24.54 -1.72 29.75
CA ILE B 280 -24.23 -0.83 30.88
C ILE B 280 -24.76 0.58 30.63
N ASN B 281 -24.46 1.14 29.46
CA ASN B 281 -24.89 2.48 29.08
C ASN B 281 -25.23 2.51 27.58
N PRO B 282 -26.53 2.47 27.23
CA PRO B 282 -26.96 2.66 25.84
C PRO B 282 -26.46 3.96 25.19
N GLY B 283 -25.97 3.88 23.95
CA GLY B 283 -25.50 5.05 23.23
C GLY B 283 -24.11 5.55 23.60
N THR B 284 -23.41 4.81 24.47
CA THR B 284 -22.06 5.17 24.91
C THR B 284 -21.05 4.84 23.77
N PRO B 285 -20.06 5.75 23.51
CA PRO B 285 -19.22 5.62 22.32
C PRO B 285 -18.25 4.42 22.35
N VAL B 286 -18.31 3.62 21.28
CA VAL B 286 -17.50 2.41 21.20
C VAL B 286 -16.89 2.27 19.81
N ILE B 287 -15.63 1.87 19.77
CA ILE B 287 -14.91 1.60 18.52
C ILE B 287 -14.60 0.12 18.46
N TYR B 288 -15.05 -0.53 17.38
CA TYR B 288 -14.65 -1.88 17.04
C TYR B 288 -13.13 -1.89 16.85
N GLY B 289 -12.42 -2.76 17.57
CA GLY B 289 -10.97 -2.83 17.44
C GLY B 289 -10.47 -4.15 16.88
N SER B 290 -9.63 -4.08 15.88
CA SER B 290 -8.92 -5.25 15.36
C SER B 290 -7.41 -4.98 15.47
N THR B 291 -6.71 -5.85 16.22
CA THR B 291 -5.24 -5.85 16.22
C THR B 291 -4.73 -7.21 15.76
N SER B 292 -5.60 -8.02 15.17
CA SER B 292 -5.24 -9.38 14.80
C SER B 292 -4.12 -9.45 13.76
N ALA B 293 -3.25 -10.43 13.94
CA ALA B 293 -2.22 -10.69 12.98
C ALA B 293 -1.86 -12.18 12.94
N LEU B 294 -0.61 -12.46 12.61
CA LEU B 294 -0.12 -13.81 12.40
C LEU B 294 0.80 -14.26 13.53
N SER B 295 0.75 -15.55 13.86
CA SER B 295 1.80 -16.18 14.64
C SER B 295 2.74 -16.82 13.62
N ASP B 296 3.92 -16.25 13.43
CA ASP B 296 4.86 -16.71 12.41
C ASP B 296 5.37 -18.06 12.83
N MSE B 297 5.32 -19.05 11.94
CA MSE B 297 5.56 -20.42 12.41
C MSE B 297 7.06 -20.68 12.42
O MSE B 297 7.54 -21.37 13.28
CB MSE B 297 4.75 -21.48 11.62
CG MSE B 297 3.18 -21.25 11.60
SE MSE B 297 1.99 -21.68 13.19
CE MSE B 297 3.13 -21.10 14.72
N ARG B 298 7.76 -20.11 11.45
CA ARG B 298 9.25 -20.02 11.44
C ARG B 298 9.80 -19.28 12.66
N SER B 299 9.18 -18.17 13.04
CA SER B 299 9.70 -17.34 14.16
C SER B 299 8.99 -17.59 15.53
N GLY B 300 7.78 -18.18 15.52
CA GLY B 300 7.03 -18.56 16.76
C GLY B 300 6.16 -17.40 17.23
N SER B 301 6.47 -16.20 16.76
CA SER B 301 6.06 -14.94 17.36
C SER B 301 5.12 -14.11 16.49
N LEU B 302 4.54 -13.08 17.11
CA LEU B 302 3.67 -12.13 16.46
C LEU B 302 4.30 -11.53 15.21
N SER B 303 3.53 -11.48 14.14
CA SER B 303 3.97 -10.80 12.93
C SER B 303 2.86 -9.89 12.41
N ILE B 304 3.07 -8.58 12.55
CA ILE B 304 2.10 -7.57 12.10
C ILE B 304 2.49 -6.89 10.77
N GLY B 305 3.69 -7.18 10.28
CA GLY B 305 4.07 -6.77 8.95
C GLY B 305 3.71 -7.79 7.88
N SER B 306 2.57 -8.43 8.02
CA SER B 306 2.21 -9.57 7.20
C SER B 306 0.99 -9.25 6.35
N PRO B 307 0.89 -9.86 5.16
CA PRO B 307 -0.32 -9.65 4.38
C PRO B 307 -1.60 -10.17 5.09
N GLU B 308 -1.42 -11.09 6.04
CA GLU B 308 -2.48 -11.61 6.85
C GLU B 308 -3.01 -10.52 7.75
N CYS B 309 -2.09 -9.80 8.39
CA CYS B 309 -2.46 -8.62 9.16
C CYS B 309 -3.22 -7.59 8.31
N ALA B 310 -2.67 -7.31 7.14
CA ALA B 310 -3.31 -6.41 6.17
C ALA B 310 -4.71 -6.90 5.78
N LEU B 311 -4.87 -8.21 5.64
CA LEU B 311 -6.20 -8.82 5.41
C LEU B 311 -7.18 -8.68 6.58
N PHE B 312 -6.71 -8.76 7.80
CA PHE B 312 -7.58 -8.59 8.95
C PHE B 312 -8.00 -7.12 9.09
N ILE B 313 -7.05 -6.20 8.90
CA ILE B 313 -7.31 -4.75 8.92
C ILE B 313 -8.45 -4.42 7.95
N SER B 314 -8.31 -4.94 6.75
CA SER B 314 -9.20 -4.66 5.65
C SER B 314 -10.61 -5.18 5.88
N ALA B 315 -10.73 -6.45 6.30
CA ALA B 315 -12.05 -7.06 6.58
C ALA B 315 -12.69 -6.42 7.78
N SER B 316 -11.90 -6.11 8.79
CA SER B 316 -12.43 -5.48 10.01
C SER B 316 -13.07 -4.11 9.76
N ALA B 317 -12.47 -3.31 8.89
CA ALA B 317 -13.05 -2.02 8.51
C ALA B 317 -14.45 -2.20 7.95
N GLN B 318 -14.61 -3.20 7.09
CA GLN B 318 -15.89 -3.51 6.48
C GLN B 318 -16.93 -4.06 7.49
N LEU B 319 -16.48 -4.95 8.38
CA LEU B 319 -17.33 -5.47 9.43
C LEU B 319 -17.84 -4.31 10.29
N ALA B 320 -16.95 -3.42 10.74
CA ALA B 320 -17.39 -2.27 11.54
C ALA B 320 -18.49 -1.42 10.85
N ARG B 321 -18.42 -1.27 9.53
CA ARG B 321 -19.51 -0.61 8.79
C ARG B 321 -20.80 -1.41 8.89
N PHE B 322 -20.65 -2.72 8.73
CA PHE B 322 -21.74 -3.67 8.81
C PHE B 322 -22.45 -3.63 10.17
N TYR B 323 -21.70 -3.46 11.26
CA TYR B 323 -22.28 -3.37 12.60
C TYR B 323 -22.69 -1.96 13.02
N GLY B 324 -22.48 -0.97 12.16
CA GLY B 324 -22.88 0.41 12.43
C GLY B 324 -22.01 1.16 13.43
N VAL B 325 -20.74 0.79 13.56
CA VAL B 325 -19.90 1.43 14.57
C VAL B 325 -18.55 1.84 13.99
N PRO B 326 -17.86 2.81 14.65
CA PRO B 326 -16.50 3.13 14.18
C PRO B 326 -15.49 1.98 14.35
N SER B 327 -14.40 2.06 13.58
CA SER B 327 -13.36 1.03 13.54
C SER B 327 -11.97 1.60 13.86
N ARG B 328 -11.21 0.79 14.60
CA ARG B 328 -9.78 1.01 14.84
C ARG B 328 -9.03 -0.21 14.37
N SER B 329 -7.93 0.00 13.65
CA SER B 329 -7.05 -1.08 13.21
C SER B 329 -5.86 -0.45 12.50
N GLY B 330 -4.83 -1.25 12.28
CA GLY B 330 -3.71 -0.84 11.45
C GLY B 330 -2.78 0.14 12.11
N GLY B 331 -2.11 0.95 11.29
CA GLY B 331 -0.99 1.78 11.72
C GLY B 331 0.22 1.51 10.84
N GLY B 332 1.34 2.14 11.17
CA GLY B 332 2.59 1.86 10.49
C GLY B 332 3.15 0.57 11.04
N LEU B 333 2.49 -0.53 10.70
CA LEU B 333 2.73 -1.79 11.39
C LEU B 333 3.75 -2.63 10.60
N ASN B 334 4.67 -3.24 11.34
CA ASN B 334 5.82 -3.97 10.81
C ASN B 334 6.52 -4.76 11.92
N ASP B 335 7.44 -5.62 11.46
CA ASP B 335 8.25 -6.48 12.31
C ASP B 335 9.73 -6.19 12.29
N SER B 336 10.15 -5.12 11.62
CA SER B 336 11.57 -4.73 11.60
C SER B 336 12.10 -4.24 12.94
N LYS B 337 13.41 -4.29 13.11
CA LYS B 337 14.08 -3.79 14.32
C LYS B 337 14.78 -2.44 14.05
N THR B 338 14.59 -1.89 12.86
CA THR B 338 15.37 -0.77 12.34
C THR B 338 14.55 -0.04 11.23
N VAL B 339 14.83 1.23 11.00
CA VAL B 339 14.10 1.99 9.97
C VAL B 339 14.78 1.83 8.61
N ASP B 340 14.56 0.63 8.06
CA ASP B 340 15.17 0.17 6.83
C ASP B 340 14.06 -0.08 5.78
N ALA B 341 14.38 -0.76 4.70
CA ALA B 341 13.42 -0.99 3.59
C ALA B 341 12.23 -1.77 4.09
N GLN B 342 12.46 -2.75 4.98
CA GLN B 342 11.36 -3.51 5.59
C GLN B 342 10.43 -2.65 6.44
N ALA B 343 10.97 -1.82 7.31
CA ALA B 343 10.10 -0.88 8.07
C ALA B 343 9.20 -0.12 7.12
N GLY B 344 9.78 0.33 6.00
CA GLY B 344 9.06 1.07 4.99
C GLY B 344 7.97 0.29 4.29
N TYR B 345 8.27 -0.86 3.68
CA TYR B 345 7.25 -1.53 2.87
C TYR B 345 6.14 -2.19 3.69
N GLU B 346 6.46 -2.64 4.90
CA GLU B 346 5.47 -3.27 5.78
C GLU B 346 4.55 -2.23 6.42
N SER B 347 5.11 -1.10 6.84
CA SER B 347 4.30 0.00 7.40
C SER B 347 3.32 0.62 6.41
N MSE B 348 3.77 0.78 5.17
CA MSE B 348 2.94 1.25 4.07
C MSE B 348 1.82 0.28 3.75
O MSE B 348 0.69 0.69 3.54
CB MSE B 348 3.78 1.45 2.79
CG MSE B 348 3.00 2.04 1.57
SE MSE B 348 2.06 3.66 2.02
CE MSE B 348 3.45 5.02 1.76
N MSE B 349 2.14 -1.00 3.69
N MSE B 349 2.13 -1.01 3.68
CA MSE B 349 1.13 -2.00 3.36
CA MSE B 349 1.09 -1.96 3.34
C MSE B 349 -0.01 -1.95 4.37
C MSE B 349 -0.04 -1.90 4.38
O MSE B 349 -1.19 -1.95 4.00
O MSE B 349 -1.21 -1.84 4.02
CB MSE B 349 1.77 -3.39 3.29
CB MSE B 349 1.62 -3.38 3.21
CG MSE B 349 0.81 -4.51 2.97
CG MSE B 349 0.52 -4.36 2.84
SE MSE B 349 1.64 -6.25 3.13
SE MSE B 349 1.16 -6.16 2.57
CE MSE B 349 2.06 -6.30 5.03
CE MSE B 349 -0.26 -6.76 1.37
N THR B 350 0.33 -1.86 5.65
CA THR B 350 -0.65 -1.87 6.74
C THR B 350 -1.37 -0.51 6.95
N LEU B 351 -0.65 0.60 6.78
CA LEU B 351 -1.21 1.90 6.83
C LEU B 351 -2.08 2.19 5.60
N MSE B 352 -1.67 1.67 4.44
CA MSE B 352 -2.47 1.84 3.23
C MSE B 352 -3.74 1.07 3.30
O MSE B 352 -4.79 1.59 2.97
CB MSE B 352 -1.68 1.42 1.96
CG MSE B 352 -2.37 1.78 0.63
SE MSE B 352 -1.09 1.69 -0.85
CE MSE B 352 -2.17 2.35 -2.32
N ALA B 353 -3.65 -0.19 3.70
CA ALA B 353 -4.85 -1.01 3.98
C ALA B 353 -5.82 -0.25 4.89
N ALA B 354 -5.30 0.31 5.97
CA ALA B 354 -6.14 0.98 6.95
C ALA B 354 -6.83 2.18 6.27
N ASN B 355 -6.08 2.99 5.52
CA ASN B 355 -6.67 4.18 4.86
C ASN B 355 -7.64 3.79 3.76
N LEU B 356 -7.23 2.95 2.81
CA LEU B 356 -8.11 2.62 1.68
C LEU B 356 -9.41 1.94 2.12
N THR B 357 -9.36 1.06 3.11
CA THR B 357 -10.55 0.33 3.53
C THR B 357 -11.36 1.14 4.52
N GLY B 358 -10.88 2.34 4.83
CA GLY B 358 -11.68 3.27 5.62
C GLY B 358 -11.70 2.96 7.11
N VAL B 359 -10.56 2.55 7.69
CA VAL B 359 -10.45 2.53 9.15
C VAL B 359 -10.62 3.95 9.69
N ASN B 360 -11.36 4.08 10.80
CA ASN B 360 -11.72 5.37 11.39
C ASN B 360 -10.69 5.90 12.37
N PHE B 361 -9.96 4.98 12.98
CA PHE B 361 -9.12 5.30 14.13
C PHE B 361 -7.82 4.47 14.18
N VAL B 362 -6.71 5.08 13.81
CA VAL B 362 -5.46 4.35 13.64
C VAL B 362 -4.53 4.71 14.81
N LEU B 363 -4.69 4.00 15.93
CA LEU B 363 -3.63 3.89 16.93
C LEU B 363 -2.46 3.19 16.24
N HIS B 364 -1.25 3.48 16.69
CA HIS B 364 -0.02 2.99 16.12
C HIS B 364 0.24 3.51 14.71
N THR B 365 -0.29 4.68 14.36
CA THR B 365 0.09 5.27 13.07
C THR B 365 1.60 5.53 13.02
N ALA B 366 2.20 6.07 14.08
CA ALA B 366 3.59 6.51 14.04
C ALA B 366 4.48 5.97 15.16
N GLY B 367 5.62 5.43 14.78
CA GLY B 367 6.67 5.19 15.73
C GLY B 367 7.00 3.73 15.99
N ILE B 368 6.05 2.83 15.76
CA ILE B 368 6.21 1.44 16.11
C ILE B 368 7.24 0.69 15.25
N LEU B 369 8.05 -0.13 15.93
CA LEU B 369 8.91 -1.16 15.32
C LEU B 369 8.67 -2.51 16.00
N GLN B 370 9.04 -3.59 15.33
CA GLN B 370 9.04 -4.94 15.89
C GLN B 370 7.77 -5.29 16.68
N TYR B 371 6.65 -5.36 15.97
CA TYR B 371 5.40 -5.88 16.49
C TYR B 371 5.01 -5.35 17.85
N PHE B 372 5.11 -4.02 17.99
CA PHE B 372 4.60 -3.24 19.13
C PHE B 372 5.57 -3.25 20.31
N MSE B 373 6.75 -3.80 20.07
CA MSE B 373 7.72 -4.04 21.11
C MSE B 373 8.55 -2.78 21.37
O MSE B 373 9.19 -2.64 22.41
CB MSE B 373 8.62 -5.20 20.63
CG MSE B 373 9.15 -6.11 21.63
SE MSE B 373 7.82 -6.79 22.83
CE MSE B 373 8.99 -6.41 24.34
N ALA B 374 8.55 -1.85 20.42
CA ALA B 374 9.47 -0.71 20.44
C ALA B 374 8.86 0.51 19.74
N MSE B 375 9.26 1.68 20.21
CA MSE B 375 9.03 2.95 19.54
C MSE B 375 10.35 3.46 19.02
O MSE B 375 11.38 3.21 19.61
CB MSE B 375 8.50 4.02 20.51
CG MSE B 375 7.04 3.89 20.86
SE MSE B 375 5.85 4.27 19.37
CE MSE B 375 5.72 6.20 19.55
N SER B 376 10.32 4.19 17.92
CA SER B 376 11.52 4.80 17.36
C SER B 376 11.22 6.23 16.94
N TYR B 377 12.17 7.12 17.23
CA TYR B 377 12.03 8.52 16.86
C TYR B 377 12.11 8.70 15.38
N GLU B 378 12.98 7.94 14.72
CA GLU B 378 13.10 8.01 13.26
C GLU B 378 11.88 7.39 12.57
N LYS B 379 11.42 6.24 13.06
CA LYS B 379 10.20 5.63 12.55
C LYS B 379 9.01 6.57 12.67
N PHE B 380 8.98 7.36 13.74
CA PHE B 380 7.87 8.31 13.91
C PHE B 380 7.78 9.24 12.69
N ILE B 381 8.88 9.92 12.38
CA ILE B 381 9.00 10.73 11.17
C ILE B 381 8.72 9.95 9.84
N MSE B 382 9.19 8.71 9.73
CA MSE B 382 8.95 7.96 8.54
C MSE B 382 7.47 7.78 8.37
O MSE B 382 6.90 7.97 7.28
CB MSE B 382 9.61 6.60 8.62
CG MSE B 382 9.74 5.92 7.27
SE MSE B 382 9.51 4.02 7.39
CE MSE B 382 7.57 3.90 7.44
N ASP B 383 6.84 7.39 9.48
CA ASP B 383 5.44 7.06 9.50
C ASP B 383 4.57 8.28 9.24
N ASP B 384 5.04 9.44 9.69
CA ASP B 384 4.31 10.69 9.46
C ASP B 384 4.30 11.09 7.98
N GLU B 385 5.38 10.76 7.27
CA GLU B 385 5.47 10.97 5.82
C GLU B 385 4.45 10.10 5.08
N ILE B 386 4.47 8.80 5.38
CA ILE B 386 3.56 7.90 4.70
C ILE B 386 2.12 8.21 5.05
N ALA B 387 1.88 8.59 6.31
CA ALA B 387 0.59 9.15 6.75
C ALA B 387 0.12 10.33 5.85
N GLY B 388 0.98 11.32 5.64
CA GLY B 388 0.64 12.49 4.80
C GLY B 388 0.40 12.04 3.35
N MSE B 389 1.23 11.13 2.84
CA MSE B 389 1.07 10.67 1.49
C MSE B 389 -0.26 10.00 1.30
O MSE B 389 -0.89 10.20 0.27
CB MSE B 389 2.17 9.68 1.13
CG MSE B 389 3.49 10.35 0.89
SE MSE B 389 4.91 9.04 0.65
CE MSE B 389 4.40 8.43 -1.05
N LEU B 390 -0.70 9.21 2.27
CA LEU B 390 -1.94 8.45 2.11
C LEU B 390 -3.18 9.29 2.26
N LEU B 391 -3.13 10.29 3.15
CA LEU B 391 -4.22 11.29 3.20
C LEU B 391 -4.31 12.04 1.88
N HIS B 392 -3.16 12.28 1.25
CA HIS B 392 -3.17 12.93 -0.05
C HIS B 392 -3.77 12.01 -1.15
N TYR B 393 -3.45 10.73 -1.11
CA TYR B 393 -4.03 9.78 -2.06
C TYR B 393 -5.56 9.81 -1.92
N MSE B 394 -6.02 9.78 -0.68
CA MSE B 394 -7.43 9.71 -0.36
C MSE B 394 -8.21 10.99 -0.63
O MSE B 394 -9.44 10.92 -0.66
CB MSE B 394 -7.61 9.24 1.11
CG MSE B 394 -7.18 7.76 1.31
SE MSE B 394 -8.18 6.41 0.25
CE MSE B 394 -9.85 6.42 1.13
N LYS B 395 -7.54 12.13 -0.85
CA LYS B 395 -8.27 13.33 -1.34
C LYS B 395 -8.81 13.06 -2.73
N GLY B 396 -8.07 12.30 -3.52
CA GLY B 396 -8.46 12.02 -4.89
C GLY B 396 -8.15 13.13 -5.87
N TYR B 397 -9.00 13.20 -6.89
CA TYR B 397 -8.95 14.11 -8.02
C TYR B 397 -9.88 15.30 -7.79
N THR B 398 -9.56 16.41 -8.43
CA THR B 398 -10.39 17.57 -8.41
C THR B 398 -10.93 17.88 -9.81
N PHE B 399 -12.24 17.82 -9.95
CA PHE B 399 -12.86 17.90 -11.27
C PHE B 399 -13.39 19.26 -11.65
N ASP B 400 -12.76 20.33 -11.16
CA ASP B 400 -13.18 21.66 -11.54
C ASP B 400 -12.44 22.11 -12.81
N GLU B 401 -12.59 23.37 -13.18
CA GLU B 401 -12.01 23.87 -14.40
C GLU B 401 -10.52 23.69 -14.41
N ASP B 402 -9.87 23.87 -13.27
CA ASP B 402 -8.39 23.94 -13.19
C ASP B 402 -7.46 22.70 -13.19
N GLY B 403 -7.71 21.58 -12.53
CA GLY B 403 -8.87 20.76 -12.61
C GLY B 403 -8.62 19.87 -13.84
N MSE B 404 -9.53 20.02 -14.80
CA MSE B 404 -9.49 19.36 -16.09
C MSE B 404 -8.39 19.96 -16.98
O MSE B 404 -7.90 19.29 -17.92
CB MSE B 404 -10.84 19.53 -16.78
CG MSE B 404 -12.07 19.16 -15.95
SE MSE B 404 -11.98 17.38 -15.20
CE MSE B 404 -11.52 16.46 -16.84
N ALA B 405 -8.07 21.23 -16.72
CA ALA B 405 -6.96 21.95 -17.36
C ALA B 405 -6.98 21.96 -18.88
N PHE B 406 -8.17 21.91 -19.50
CA PHE B 406 -8.22 21.85 -20.95
C PHE B 406 -7.53 23.02 -21.64
N ASP B 407 -7.76 24.22 -21.17
CA ASP B 407 -7.23 25.40 -21.83
C ASP B 407 -5.74 25.55 -21.71
N VAL B 408 -5.14 25.08 -20.62
CA VAL B 408 -3.70 25.16 -20.54
C VAL B 408 -3.11 24.12 -21.50
N ILE B 409 -3.72 22.92 -21.58
CA ILE B 409 -3.23 21.87 -22.47
C ILE B 409 -3.28 22.42 -23.88
N GLU B 410 -4.31 23.16 -24.18
CA GLU B 410 -4.47 23.79 -25.47
C GLU B 410 -3.45 24.91 -25.79
N LYS B 411 -3.28 25.88 -24.89
CA LYS B 411 -2.23 26.90 -25.02
C LYS B 411 -0.87 26.28 -25.31
N VAL B 412 -0.54 25.19 -24.63
CA VAL B 412 0.79 24.59 -24.71
C VAL B 412 0.99 23.83 -26.02
N GLY B 413 0.07 22.92 -26.28
CA GLY B 413 0.02 22.24 -27.55
C GLY B 413 1.04 21.13 -27.67
N PRO B 414 0.94 20.32 -28.73
CA PRO B 414 1.91 19.27 -28.98
C PRO B 414 3.38 19.71 -28.86
N GLY B 415 4.15 18.99 -28.09
CA GLY B 415 5.55 19.30 -27.97
C GLY B 415 5.94 20.45 -27.03
N GLY B 416 5.01 21.26 -26.53
CA GLY B 416 5.36 22.27 -25.54
C GLY B 416 5.63 21.73 -24.14
N HIS B 417 6.00 22.61 -23.21
CA HIS B 417 6.02 22.28 -21.79
C HIS B 417 5.09 23.19 -20.96
N PHE B 418 4.79 22.75 -19.74
CA PHE B 418 3.93 23.48 -18.82
C PHE B 418 4.72 24.19 -17.67
N LEU B 419 6.03 24.30 -17.79
CA LEU B 419 6.87 24.69 -16.65
C LEU B 419 6.59 26.10 -16.19
N THR B 420 6.18 26.96 -17.12
CA THR B 420 6.09 28.39 -16.84
C THR B 420 4.68 28.95 -16.90
N GLN B 421 3.67 28.09 -17.09
CA GLN B 421 2.27 28.52 -17.04
C GLN B 421 1.85 29.12 -15.69
N LYS B 422 0.96 30.12 -15.76
CA LYS B 422 0.31 30.66 -14.56
C LYS B 422 -0.42 29.50 -13.87
N HIS B 423 -1.05 28.64 -14.69
CA HIS B 423 -1.76 27.50 -14.16
C HIS B 423 -0.87 26.59 -13.31
N THR B 424 0.37 26.43 -13.73
CA THR B 424 1.31 25.53 -13.05
C THR B 424 1.70 26.16 -11.71
N ARG B 425 2.01 27.47 -11.75
CA ARG B 425 2.35 28.25 -10.55
C ARG B 425 1.18 28.27 -9.56
N LYS B 426 -0.03 28.54 -10.00
CA LYS B 426 -1.16 28.59 -9.06
C LYS B 426 -1.61 27.19 -8.57
N ASN B 427 -1.47 26.16 -9.41
CA ASN B 427 -2.18 24.92 -9.15
C ASN B 427 -1.32 23.80 -8.58
N HIS B 428 -0.01 23.89 -8.71
CA HIS B 428 0.88 22.84 -8.19
C HIS B 428 0.71 22.76 -6.68
N LYS B 429 0.79 23.91 -6.03
CA LYS B 429 0.58 24.06 -4.59
C LYS B 429 -0.73 23.45 -4.16
N ARG B 430 -1.77 23.59 -4.98
CA ARG B 430 -3.13 23.18 -4.64
C ARG B 430 -3.38 21.67 -4.71
N GLU B 431 -2.87 21.01 -5.74
CA GLU B 431 -3.18 19.58 -5.96
C GLU B 431 -2.09 18.57 -5.57
N PHE B 432 -0.88 19.04 -5.28
CA PHE B 432 0.25 18.13 -5.11
C PHE B 432 0.88 18.13 -3.71
N TYR B 433 1.33 16.96 -3.27
CA TYR B 433 1.85 16.75 -1.93
C TYR B 433 3.34 17.10 -1.89
N THR B 434 3.71 17.95 -0.95
CA THR B 434 5.10 18.30 -0.65
C THR B 434 5.62 17.25 0.36
N PRO B 435 6.62 16.46 -0.04
CA PRO B 435 7.13 15.51 0.91
C PRO B 435 7.89 16.13 2.13
N THR B 436 7.76 15.50 3.28
CA THR B 436 8.51 15.91 4.47
C THR B 436 9.83 15.15 4.66
N LEU B 437 9.99 13.99 4.01
CA LEU B 437 11.12 13.04 4.25
C LEU B 437 11.76 12.51 2.95
N SER B 438 10.96 12.10 1.98
CA SER B 438 11.45 11.48 0.76
C SER B 438 12.40 12.39 0.00
N ASP B 439 13.49 11.80 -0.49
CA ASP B 439 14.57 12.47 -1.19
C ASP B 439 14.33 12.17 -2.66
N ARG B 440 14.20 13.25 -3.43
CA ARG B 440 13.74 13.28 -4.81
C ARG B 440 14.83 13.88 -5.73
N SER B 441 15.99 14.15 -5.18
CA SER B 441 17.10 14.73 -5.91
C SER B 441 17.78 13.72 -6.84
N ALA B 442 18.58 14.25 -7.77
CA ALA B 442 19.38 13.50 -8.72
C ALA B 442 20.54 12.88 -7.96
N TYR B 443 21.12 11.85 -8.57
CA TYR B 443 22.22 11.08 -8.00
C TYR B 443 23.37 11.92 -7.45
N ASP B 444 23.90 12.79 -8.29
CA ASP B 444 25.04 13.65 -7.96
C ASP B 444 24.76 14.58 -6.79
N THR B 445 23.52 15.04 -6.68
CA THR B 445 23.13 15.84 -5.52
C THR B 445 23.14 14.97 -4.29
N TRP B 446 22.51 13.80 -4.35
CA TRP B 446 22.38 12.88 -3.21
C TRP B 446 23.72 12.28 -2.80
N ALA B 447 24.61 12.08 -3.78
CA ALA B 447 25.84 11.32 -3.58
C ALA B 447 26.89 12.05 -2.78
N LYS B 448 26.67 13.33 -2.51
CA LYS B 448 27.66 14.10 -1.75
C LYS B 448 27.68 13.63 -0.32
N GLU B 449 26.52 13.27 0.22
CA GLU B 449 26.47 12.75 1.59
C GLU B 449 25.88 11.36 1.73
N LYS B 450 25.11 10.93 0.74
CA LYS B 450 24.54 9.61 0.75
C LYS B 450 23.75 9.32 2.02
N LEU B 451 22.90 10.25 2.40
CA LEU B 451 22.02 10.07 3.55
C LEU B 451 20.85 9.18 3.18
N GLU B 452 20.61 8.14 3.97
CA GLU B 452 19.42 7.35 3.80
C GLU B 452 18.25 7.93 4.65
N THR B 453 17.04 7.43 4.42
CA THR B 453 15.82 7.95 5.07
C THR B 453 15.94 8.03 6.64
N LYS B 454 16.54 7.00 7.22
CA LYS B 454 16.89 6.90 8.64
C LYS B 454 17.60 8.17 9.15
N GLN B 455 18.61 8.60 8.40
CA GLN B 455 19.50 9.68 8.82
C GLN B 455 18.81 11.03 8.69
N ARG B 456 18.03 11.19 7.63
CA ARG B 456 17.25 12.39 7.45
C ARG B 456 16.19 12.43 8.53
N ALA B 457 15.56 11.31 8.85
CA ALA B 457 14.50 11.28 9.85
C ALA B 457 15.02 11.74 11.20
N HIS B 458 16.26 11.36 11.47
CA HIS B 458 16.94 11.69 12.71
C HIS B 458 17.14 13.22 12.85
N ALA B 459 17.67 13.86 11.81
CA ALA B 459 17.82 15.31 11.78
C ALA B 459 16.46 16.02 11.97
N ARG B 460 15.40 15.41 11.44
CA ARG B 460 14.11 16.06 11.45
C ARG B 460 13.43 16.05 12.80
N TRP B 461 13.40 14.92 13.50
CA TRP B 461 12.75 14.92 14.81
C TRP B 461 13.43 15.87 15.78
N GLN B 462 14.75 16.01 15.65
CA GLN B 462 15.51 16.89 16.56
C GLN B 462 15.18 18.36 16.28
N GLN B 463 15.05 18.69 14.99
CA GLN B 463 14.60 20.01 14.58
C GLN B 463 13.25 20.31 15.23
N ILE B 464 12.31 19.37 15.14
CA ILE B 464 10.94 19.60 15.61
C ILE B 464 10.85 19.77 17.12
N LEU B 465 11.45 18.89 17.91
CA LEU B 465 11.41 19.04 19.39
C LEU B 465 12.16 20.30 19.86
N ALA B 466 13.18 20.73 19.11
CA ALA B 466 13.90 21.96 19.44
C ALA B 466 13.00 23.16 19.26
N ASN B 467 12.05 23.07 18.33
CA ASN B 467 11.20 24.21 18.04
C ASN B 467 9.79 24.18 18.62
N TYR B 468 9.32 23.03 19.09
CA TYR B 468 7.94 22.94 19.57
C TYR B 468 7.75 23.72 20.86
N VAL B 469 6.89 24.71 20.80
CA VAL B 469 6.41 25.36 22.00
C VAL B 469 5.07 24.67 22.30
N PRO B 470 4.99 23.98 23.45
CA PRO B 470 3.70 23.51 23.93
C PRO B 470 2.64 24.65 24.02
N PRO B 471 1.38 24.34 23.68
CA PRO B 471 0.26 25.27 23.94
C PRO B 471 0.11 25.62 25.42
N ALA B 472 -0.17 26.88 25.74
CA ALA B 472 -0.33 27.28 27.17
C ALA B 472 -1.48 26.52 27.81
N LEU B 473 -1.33 26.14 29.07
CA LEU B 473 -2.43 25.60 29.87
C LEU B 473 -2.87 26.59 30.98
N ASP B 474 -4.14 26.99 30.90
CA ASP B 474 -4.73 27.86 31.91
C ASP B 474 -4.08 27.52 33.27
N PRO B 475 -3.40 28.50 33.91
CA PRO B 475 -2.78 28.43 35.23
C PRO B 475 -3.59 27.72 36.31
N GLU B 476 -4.85 28.15 36.49
CA GLU B 476 -5.74 27.56 37.51
C GLU B 476 -6.16 26.13 37.20
N ILE B 477 -6.20 25.79 35.91
CA ILE B 477 -6.61 24.46 35.48
C ILE B 477 -5.57 23.47 35.97
N ASP B 478 -4.30 23.70 35.54
CA ASP B 478 -3.21 22.82 35.97
C ASP B 478 -2.80 23.11 37.44
N ALA B 479 -3.28 24.21 38.01
CA ALA B 479 -3.19 24.39 39.46
C ALA B 479 -4.08 23.38 40.20
N LYS B 480 -5.17 22.98 39.53
CA LYS B 480 -6.07 21.92 40.00
C LYS B 480 -5.61 20.52 39.51
N LEU B 481 -5.05 20.46 38.30
CA LEU B 481 -4.44 19.21 37.83
C LEU B 481 -3.38 18.72 38.82
N GLN B 482 -2.49 19.62 39.22
CA GLN B 482 -1.39 19.29 40.13
C GLN B 482 -1.90 18.92 41.51
N ALA B 483 -2.75 19.78 42.07
CA ALA B 483 -3.41 19.54 43.34
C ALA B 483 -3.92 18.10 43.46
N PHE B 484 -4.55 17.62 42.39
CA PHE B 484 -5.11 16.27 42.36
C PHE B 484 -3.98 15.21 42.29
N ILE B 485 -2.97 15.43 41.43
CA ILE B 485 -1.84 14.51 41.28
C ILE B 485 -1.06 14.40 42.60
N ALA B 486 -1.03 15.52 43.33
CA ALA B 486 -0.46 15.55 44.66
C ALA B 486 -1.22 14.62 45.59
N GLN B 487 -2.53 14.87 45.76
CA GLN B 487 -3.37 14.09 46.67
C GLN B 487 -3.31 12.58 46.36
N ARG B 488 -3.55 12.22 45.10
CA ARG B 488 -3.48 10.81 44.68
C ARG B 488 -2.08 10.22 44.85
N GLY B 489 -1.06 11.04 44.64
CA GLY B 489 0.32 10.64 44.88
C GLY B 489 0.51 10.05 46.27
N LYS B 490 -0.04 10.72 47.28
CA LYS B 490 -0.03 10.21 48.66
C LYS B 490 -0.95 8.99 48.77
N GLU B 491 -2.21 9.17 48.40
CA GLU B 491 -3.23 8.13 48.57
C GLU B 491 -2.85 6.71 48.08
N VAL B 492 -2.17 6.60 46.94
CA VAL B 492 -1.78 5.29 46.38
C VAL B 492 -0.61 4.62 47.12
N GLY B 493 0.20 5.40 47.83
CA GLY B 493 1.36 4.86 48.55
C GLY B 493 0.99 4.00 49.75
C1 EDO C . 14.75 -6.55 -25.08
O1 EDO C . 14.62 -6.41 -26.52
C2 EDO C . 14.02 -7.75 -24.44
O2 EDO C . 14.00 -9.06 -25.09
C1 EDO D . 9.14 4.00 -19.04
O1 EDO D . 8.99 5.10 -19.97
C2 EDO D . 7.85 3.16 -18.93
O2 EDO D . 6.82 3.66 -19.88
C1 EDO E . 7.85 21.73 -12.57
O1 EDO E . 8.26 21.08 -11.37
C2 EDO E . 6.63 22.63 -12.35
O2 EDO E . 5.86 22.15 -11.25
C1 EDO F . 24.39 -15.38 -30.64
O1 EDO F . 23.43 -16.24 -30.03
C2 EDO F . 25.08 -14.70 -29.48
O2 EDO F . 25.77 -13.57 -30.01
C1 EDO G . -14.34 5.05 -37.52
O1 EDO G . -15.71 4.92 -36.99
C2 EDO G . -14.08 4.63 -38.97
O2 EDO G . -13.13 5.42 -39.74
C1 EDO H . 11.79 -24.97 -24.50
O1 EDO H . 10.59 -25.54 -23.98
C2 EDO H . 11.87 -25.07 -26.03
O2 EDO H . 13.24 -25.02 -26.49
C1 EDO I . 15.89 6.81 -17.52
O1 EDO I . 14.63 7.48 -17.53
C2 EDO I . 16.18 6.02 -18.80
O2 EDO I . 17.27 6.64 -19.48
C1 EDO J . -2.89 -2.65 20.66
O1 EDO J . -3.99 -3.58 20.73
C2 EDO J . -1.80 -2.95 21.70
O2 EDO J . -1.52 -4.35 21.76
C1 EDO K . 3.66 -7.43 21.96
O1 EDO K . 2.68 -8.49 21.98
C2 EDO K . 3.19 -6.28 22.86
O2 EDO K . 4.25 -5.64 23.60
C1 EDO L . -5.05 -5.88 13.04
O1 EDO L . -5.73 -6.60 12.00
C2 EDO L . -4.40 -4.55 12.65
O2 EDO L . -3.94 -3.79 13.76
#